data_4J3T
#
_entry.id   4J3T
#
_cell.length_a   175.090
_cell.length_b   86.230
_cell.length_c   61.510
_cell.angle_alpha   90.000
_cell.angle_beta   95.580
_cell.angle_gamma   90.000
#
_symmetry.space_group_name_H-M   'C 1 2 1'
#
loop_
_entity.id
_entity.type
_entity.pdbx_description
1 polymer 'Limit dextrinase'
2 branched alpha-D-glucopyranose-(1-4)-alpha-D-glucopyranose-(1-4)-alpha-D-glucopyranose-(1-4)-alpha-D-glucopyranose-(1-4)-alpha-D-glucopyranose
3 non-polymer 'CALCIUM ION'
4 non-polymer 'CHLORIDE ION'
5 non-polymer 'IODIDE ION'
6 water water
#
_entity_poly.entity_id   1
_entity_poly.type   'polypeptide(L)'
_entity_poly.pdbx_seq_one_letter_code
;MGSSHHHHHHSSGLVPRGSHMAFMPDARAYWVTSDLIAWNVGELEAQSVCLYASRAAAMSLSPSNGGIQGYDSKVELQPE
SAGLPETVTQKFPFISSYRAFRVPSSVDVASLVKCQLVVASFGADGKHVDVTGLQLPGVLDDMFAYTGPLGAVFSEDSVS
LHLWAPTAQGVSVCFFDGPAGPALETVQLKESNGVWSVTGPREWENRYYLYEVDVYHPTKAQVLKCLAGDPYARSLSANG
ARTWLVDINNETLKPASWDELADEKPKLDSFSDITIYELHIRDFSAHDGTVDSDSRGGFRAFAYQASAGMEHLRKLSDAG
LTHVHLLPSFHFAGVDDIKSNWKFVDECELATFPPGSDMQQAAVVAIQEEDPYNWGYNPVLWGVPKGSYASDPDGPSRII
EYRQMVQALNRIGLRVVMDVVYNHLDSSGPCGISSVLDKIVPGYYVRRDTNGQIENSAAMNNTASEHFMVDRLIVDDLLN
WAVNYKVDGFRFDLMGHIMKRTMMRAKSALQSLTTDAHGVDGSKIYLYGEGWDFAEVARNQRGINGSQLNMSGTGIGSFN
DRIRDAINGGNPFGNPLQQGFNTGLFLEPNGFYQGNEADTRRSLATYADQIQIGLAGNLRDYVLISHTGEAKKGSEIHTF
DGLPVGYTASPIETINYVSAHDNETLFDVISVKTPMILSVDERCRINHLASSMMALSQGIPFFHAGDEILRSKSIDRDSY
NSGDWFNKLDFTYETNNWGVGLPPSEKNEDNWPLMKPRLENPSFKPAKGHILAALDSFVDILKIRYSSPLFRLSTANDIK
QRVRFHNTGPSLVPGVIVMGIEDARGESPEMAQLDTNFSYVVTVFNVCPHEVSMDIPALASMGFELHPVQVNSSDTLVRK
SAYEAATGRFTVPGRTVSVFVEPRC
;
_entity_poly.pdbx_strand_id   A
#
loop_
_chem_comp.id
_chem_comp.type
_chem_comp.name
_chem_comp.formula
CA non-polymer 'CALCIUM ION' 'Ca 2'
CL non-polymer 'CHLORIDE ION' 'Cl -1'
GLC D-saccharide, alpha linking alpha-D-glucopyranose 'C6 H12 O6'
IOD non-polymer 'IODIDE ION' 'I -1'
#
# COMPACT_ATOMS: atom_id res chain seq x y z
N ALA A 22 38.56 -11.95 5.02
CA ALA A 22 39.54 -12.76 5.82
C ALA A 22 38.91 -14.11 6.25
N PHE A 23 38.51 -14.24 7.51
CA PHE A 23 37.57 -15.29 7.93
C PHE A 23 36.18 -14.69 7.79
N MET A 24 35.40 -15.25 6.87
CA MET A 24 34.13 -14.66 6.45
C MET A 24 33.11 -15.77 6.21
N PRO A 25 32.68 -16.45 7.28
CA PRO A 25 31.76 -17.55 7.05
C PRO A 25 30.37 -17.10 6.61
N ASP A 26 29.66 -17.97 5.91
CA ASP A 26 28.22 -17.82 5.72
C ASP A 26 27.51 -18.24 7.01
N ALA A 27 26.19 -18.42 6.95
CA ALA A 27 25.42 -18.75 8.17
C ALA A 27 24.29 -19.71 7.81
N ARG A 28 24.63 -21.00 7.74
CA ARG A 28 23.71 -22.05 7.35
C ARG A 28 23.06 -22.76 8.54
N ALA A 29 23.50 -22.43 9.75
CA ALA A 29 22.91 -22.99 10.95
C ALA A 29 22.09 -21.94 11.66
N TYR A 30 21.17 -22.39 12.50
CA TYR A 30 20.22 -21.52 13.19
C TYR A 30 20.22 -21.81 14.67
N TRP A 31 20.39 -20.78 15.49
CA TRP A 31 20.21 -20.93 16.92
C TRP A 31 18.76 -20.57 17.23
N VAL A 32 17.92 -21.60 17.47
CA VAL A 32 16.45 -21.41 17.45
C VAL A 32 15.79 -21.23 18.82
N THR A 33 16.37 -21.85 19.85
CA THR A 33 15.95 -21.66 21.22
C THR A 33 17.20 -21.70 22.09
N SER A 34 17.04 -21.41 23.37
CA SER A 34 18.18 -21.35 24.28
C SER A 34 18.98 -22.66 24.21
N ASP A 35 18.28 -23.79 24.09
CA ASP A 35 18.96 -25.09 24.14
C ASP A 35 19.07 -25.84 22.80
N LEU A 36 18.61 -25.27 21.69
CA LEU A 36 18.65 -25.97 20.39
C LEU A 36 19.25 -25.16 19.24
N ILE A 37 20.11 -25.84 18.48
CA ILE A 37 20.64 -25.37 17.23
C ILE A 37 20.18 -26.29 16.09
N ALA A 38 19.80 -25.71 14.95
CA ALA A 38 19.39 -26.45 13.77
C ALA A 38 20.43 -26.30 12.66
N TRP A 39 20.85 -27.42 12.08
CA TRP A 39 21.80 -27.39 10.98
C TRP A 39 21.61 -28.61 10.08
N ASN A 40 21.53 -28.39 8.76
CA ASN A 40 21.20 -29.45 7.81
C ASN A 40 22.42 -30.22 7.35
N VAL A 41 23.03 -30.95 8.28
CA VAL A 41 24.16 -31.84 7.99
C VAL A 41 23.67 -33.28 8.01
N GLY A 42 24.51 -34.19 7.52
CA GLY A 42 24.21 -35.62 7.53
C GLY A 42 24.44 -36.30 8.87
N GLU A 43 23.99 -37.55 8.98
CA GLU A 43 24.03 -38.31 10.24
C GLU A 43 25.43 -38.54 10.80
N LEU A 44 26.39 -38.85 9.93
CA LEU A 44 27.76 -39.10 10.41
C LEU A 44 28.42 -37.77 10.78
N GLU A 45 28.19 -36.75 9.94
CA GLU A 45 28.64 -35.40 10.23
C GLU A 45 28.08 -34.90 11.57
N ALA A 46 26.87 -35.35 11.91
CA ALA A 46 26.20 -34.90 13.13
C ALA A 46 26.84 -35.42 14.42
N GLN A 47 27.65 -36.48 14.32
CA GLN A 47 28.26 -37.11 15.49
C GLN A 47 29.47 -36.34 16.06
N SER A 48 29.92 -35.28 15.36
CA SER A 48 30.96 -34.41 15.92
C SER A 48 30.76 -32.96 15.50
N VAL A 49 29.82 -32.30 16.17
CA VAL A 49 29.56 -30.87 15.96
C VAL A 49 29.90 -30.10 17.22
N CYS A 50 30.65 -29.00 17.08
CA CYS A 50 30.93 -28.15 18.24
C CYS A 50 30.59 -26.71 17.91
N LEU A 51 30.44 -25.94 18.99
CA LEU A 51 30.13 -24.51 18.94
C LEU A 51 31.33 -23.75 19.47
N TYR A 52 31.78 -22.77 18.70
CA TYR A 52 32.98 -21.99 19.01
C TYR A 52 32.61 -20.51 19.11
N ALA A 53 33.16 -19.83 20.13
CA ALA A 53 32.92 -18.41 20.37
C ALA A 53 34.20 -17.57 20.52
N SER A 54 34.16 -16.34 20.01
CA SER A 54 35.20 -15.35 20.22
C SER A 54 34.60 -13.95 20.37
N ARG A 55 34.79 -13.34 21.53
CA ARG A 55 34.23 -12.02 21.79
C ARG A 55 34.84 -10.94 20.89
N ALA A 56 36.14 -11.05 20.64
CA ALA A 56 36.86 -10.12 19.77
C ALA A 56 36.77 -10.46 18.28
N ALA A 57 36.03 -11.51 17.94
CA ALA A 57 35.88 -11.97 16.56
C ALA A 57 37.24 -12.29 15.94
N ALA A 58 38.00 -13.11 16.66
CA ALA A 58 39.39 -13.40 16.33
C ALA A 58 39.61 -14.83 15.83
N MET A 59 38.55 -15.50 15.39
CA MET A 59 38.72 -16.89 14.95
C MET A 59 39.24 -17.00 13.53
N SER A 60 39.94 -18.11 13.28
CA SER A 60 40.54 -18.44 11.99
C SER A 60 40.29 -19.89 11.64
N LEU A 61 40.42 -20.20 10.35
CA LEU A 61 40.20 -21.55 9.82
C LEU A 61 41.52 -22.34 9.80
N ILE A 68 38.93 -24.97 13.55
CA ILE A 68 38.81 -23.63 14.11
C ILE A 68 39.91 -23.32 15.13
N GLN A 69 40.52 -22.15 14.96
CA GLN A 69 41.55 -21.62 15.84
C GLN A 69 41.08 -20.28 16.39
N GLY A 70 41.74 -19.80 17.43
CA GLY A 70 41.55 -18.42 17.91
C GLY A 70 40.24 -18.14 18.65
N TYR A 71 39.62 -19.21 19.15
CA TYR A 71 38.38 -19.13 19.92
C TYR A 71 38.66 -18.91 21.40
N ASP A 72 37.71 -18.30 22.09
CA ASP A 72 37.73 -18.17 23.55
C ASP A 72 37.20 -19.44 24.21
N SER A 73 36.21 -20.06 23.58
CA SER A 73 35.60 -21.27 24.11
C SER A 73 35.08 -22.17 23.01
N LYS A 74 34.97 -23.45 23.34
CA LYS A 74 34.35 -24.46 22.49
C LYS A 74 33.52 -25.37 23.37
N VAL A 75 32.42 -25.88 22.82
CA VAL A 75 31.59 -26.86 23.51
C VAL A 75 31.03 -27.83 22.46
N GLU A 76 30.97 -29.11 22.79
CA GLU A 76 30.42 -30.10 21.86
C GLU A 76 28.89 -30.03 21.92
N LEU A 77 28.26 -30.13 20.76
CA LEU A 77 26.79 -30.17 20.68
C LEU A 77 26.29 -31.58 20.43
N GLN A 78 25.53 -32.12 21.39
CA GLN A 78 25.05 -33.50 21.26
C GLN A 78 23.84 -33.56 20.33
N PRO A 79 23.87 -34.45 19.32
CA PRO A 79 22.73 -34.48 18.42
C PRO A 79 21.45 -34.79 19.19
N GLU A 80 20.36 -34.12 18.80
CA GLU A 80 19.07 -34.30 19.43
C GLU A 80 18.25 -35.18 18.49
N SER A 81 18.17 -36.48 18.78
CA SER A 81 17.47 -37.41 17.91
C SER A 81 15.98 -37.09 17.75
N ALA A 82 15.37 -36.48 18.77
CA ALA A 82 13.95 -36.08 18.69
C ALA A 82 13.71 -35.04 17.59
N GLY A 83 14.76 -34.32 17.19
CA GLY A 83 14.64 -33.27 16.18
C GLY A 83 14.07 -31.98 16.74
N LEU A 84 13.60 -31.12 15.84
CA LEU A 84 13.09 -29.79 16.23
C LEU A 84 11.64 -29.85 16.70
N PRO A 85 11.33 -29.20 17.83
CA PRO A 85 9.98 -29.26 18.36
C PRO A 85 8.97 -28.45 17.54
N GLU A 86 7.68 -28.68 17.78
CA GLU A 86 6.58 -28.06 17.01
C GLU A 86 6.61 -26.53 17.02
N THR A 87 6.96 -25.94 18.17
CA THR A 87 7.04 -24.49 18.28
C THR A 87 8.06 -23.93 17.29
N VAL A 88 9.19 -24.61 17.16
CA VAL A 88 10.21 -24.18 16.23
C VAL A 88 9.78 -24.36 14.77
N THR A 89 9.24 -25.53 14.44
CA THR A 89 8.87 -25.84 13.06
C THR A 89 7.65 -25.05 12.61
N GLN A 90 6.79 -24.66 13.55
CA GLN A 90 5.66 -23.77 13.23
C GLN A 90 6.17 -22.35 12.91
N LYS A 91 7.18 -21.90 13.66
CA LYS A 91 7.69 -20.53 13.49
C LYS A 91 8.61 -20.41 12.26
N PHE A 92 9.33 -21.48 11.95
CA PHE A 92 10.31 -21.50 10.86
C PHE A 92 10.07 -22.73 9.97
N PRO A 93 8.97 -22.75 9.19
CA PRO A 93 8.64 -23.97 8.44
C PRO A 93 9.71 -24.43 7.44
N PHE A 94 10.40 -23.46 6.86
CA PHE A 94 11.39 -23.70 5.83
C PHE A 94 12.62 -24.49 6.32
N ILE A 95 12.83 -24.57 7.64
CA ILE A 95 13.91 -25.41 8.21
C ILE A 95 13.40 -26.62 9.02
N SER A 96 12.15 -27.01 8.82
CA SER A 96 11.56 -28.05 9.68
C SER A 96 12.25 -29.42 9.56
N SER A 97 12.95 -29.67 8.46
CA SER A 97 13.70 -30.92 8.25
C SER A 97 15.12 -30.92 8.80
N TYR A 98 15.60 -29.78 9.26
CA TYR A 98 16.98 -29.67 9.75
C TYR A 98 17.22 -30.55 10.98
N ARG A 99 18.41 -31.13 11.05
CA ARG A 99 18.85 -31.84 12.23
C ARG A 99 18.99 -30.86 13.40
N ALA A 100 18.68 -31.35 14.60
CA ALA A 100 18.73 -30.60 15.84
C ALA A 100 19.92 -30.99 16.71
N PHE A 101 20.50 -30.00 17.39
CA PHE A 101 21.65 -30.18 18.26
C PHE A 101 21.42 -29.48 19.58
N ARG A 102 21.67 -30.20 20.67
CA ARG A 102 21.43 -29.67 22.02
C ARG A 102 22.61 -28.88 22.56
N VAL A 103 22.33 -27.67 23.01
CA VAL A 103 23.32 -26.83 23.65
C VAL A 103 23.32 -27.15 25.15
N PRO A 104 24.48 -27.51 25.71
CA PRO A 104 24.49 -27.89 27.13
C PRO A 104 24.18 -26.74 28.08
N SER A 105 23.59 -27.08 29.22
CA SER A 105 23.27 -26.14 30.28
C SER A 105 24.49 -25.33 30.77
N SER A 106 25.69 -25.83 30.50
CA SER A 106 26.93 -25.14 30.86
C SER A 106 27.15 -23.83 30.09
N VAL A 107 26.47 -23.68 28.96
CA VAL A 107 26.66 -22.51 28.09
C VAL A 107 25.93 -21.27 28.61
N ASP A 108 26.66 -20.16 28.72
CA ASP A 108 26.07 -18.87 29.05
C ASP A 108 25.62 -18.29 27.71
N VAL A 109 24.37 -18.54 27.37
CA VAL A 109 23.81 -18.11 26.08
C VAL A 109 23.83 -16.58 25.91
N ALA A 110 23.46 -15.86 26.95
CA ALA A 110 23.42 -14.39 26.85
C ALA A 110 24.80 -13.84 26.48
N SER A 111 25.85 -14.42 27.05
CA SER A 111 27.21 -13.99 26.73
C SER A 111 27.59 -14.41 25.31
N LEU A 112 27.26 -15.64 24.92
CA LEU A 112 27.67 -16.12 23.61
C LEU A 112 27.06 -15.36 22.42
N VAL A 113 25.81 -14.92 22.53
CA VAL A 113 25.16 -14.28 21.39
C VAL A 113 25.76 -12.90 21.09
N LYS A 114 26.59 -12.39 22.01
CA LYS A 114 27.34 -11.15 21.78
C LYS A 114 28.66 -11.40 21.07
N CYS A 115 29.04 -12.66 20.93
CA CYS A 115 30.32 -13.01 20.33
C CYS A 115 30.21 -13.36 18.85
N GLN A 116 31.35 -13.45 18.18
CA GLN A 116 31.45 -14.14 16.92
C GLN A 116 31.26 -15.64 17.22
N LEU A 117 30.33 -16.27 16.50
CA LEU A 117 30.03 -17.70 16.66
C LEU A 117 30.15 -18.48 15.36
N VAL A 118 30.69 -19.69 15.46
CA VAL A 118 30.52 -20.67 14.40
C VAL A 118 30.24 -22.04 15.00
N VAL A 119 29.61 -22.88 14.19
CA VAL A 119 29.55 -24.32 14.46
C VAL A 119 30.40 -24.98 13.40
N ALA A 120 31.03 -26.09 13.77
CA ALA A 120 31.87 -26.84 12.84
C ALA A 120 31.55 -28.33 12.94
N SER A 121 31.59 -29.02 11.81
CA SER A 121 31.31 -30.46 11.70
C SER A 121 32.63 -31.17 11.57
N ASP A 130 33.34 -28.90 7.83
CA ASP A 130 32.45 -27.80 7.45
C ASP A 130 32.29 -26.82 8.60
N VAL A 131 32.27 -25.53 8.27
CA VAL A 131 32.19 -24.46 9.26
C VAL A 131 31.16 -23.47 8.77
N THR A 132 30.33 -22.98 9.69
CA THR A 132 29.35 -21.95 9.30
C THR A 132 28.89 -21.14 10.50
N GLY A 133 28.40 -19.93 10.23
CA GLY A 133 27.84 -19.10 11.28
C GLY A 133 26.41 -19.48 11.64
N LEU A 134 25.90 -18.76 12.64
CA LEU A 134 24.56 -19.01 13.21
C LEU A 134 23.62 -17.84 13.00
N GLN A 135 22.42 -18.15 12.49
CA GLN A 135 21.31 -17.17 12.44
C GLN A 135 20.58 -17.20 13.78
N LEU A 136 20.62 -16.06 14.49
CA LEU A 136 20.22 -15.97 15.89
C LEU A 136 18.78 -15.57 16.24
N PRO A 137 17.92 -15.18 15.25
CA PRO A 137 16.63 -14.64 15.72
C PRO A 137 15.80 -15.55 16.64
N GLY A 138 15.79 -16.84 16.39
CA GLY A 138 14.99 -17.73 17.22
C GLY A 138 15.37 -17.66 18.67
N VAL A 139 16.66 -17.80 18.96
CA VAL A 139 17.14 -17.77 20.32
C VAL A 139 16.97 -16.37 20.93
N LEU A 140 17.16 -15.34 20.12
CA LEU A 140 16.98 -13.97 20.63
C LEU A 140 15.53 -13.71 21.06
N ASP A 141 14.55 -14.22 20.32
CA ASP A 141 13.15 -14.11 20.74
C ASP A 141 12.89 -14.99 21.97
N ASP A 142 13.42 -16.21 21.95
CA ASP A 142 13.19 -17.17 23.03
C ASP A 142 13.67 -16.61 24.38
N MET A 143 14.82 -15.95 24.37
CA MET A 143 15.41 -15.44 25.60
C MET A 143 15.10 -13.99 25.94
N PHE A 144 14.90 -13.15 24.91
CA PHE A 144 14.89 -11.69 25.08
C PHE A 144 13.65 -10.96 24.59
N ALA A 145 12.62 -11.67 24.15
CA ALA A 145 11.37 -11.02 23.77
C ALA A 145 10.95 -10.08 24.90
N TYR A 146 10.62 -8.84 24.56
CA TYR A 146 10.45 -7.79 25.55
C TYR A 146 9.22 -6.95 25.26
N THR A 147 8.42 -6.74 26.30
CA THR A 147 7.14 -6.01 26.21
C THR A 147 7.11 -4.71 27.03
N GLY A 148 8.23 -4.38 27.67
CA GLY A 148 8.36 -3.15 28.45
C GLY A 148 8.63 -1.92 27.58
N PRO A 149 8.85 -0.78 28.23
CA PRO A 149 9.02 0.47 27.49
C PRO A 149 10.23 0.48 26.56
N LEU A 150 10.06 1.06 25.38
CA LEU A 150 11.14 1.28 24.42
C LEU A 150 11.11 2.72 23.94
N GLY A 151 12.27 3.21 23.52
CA GLY A 151 12.40 4.60 23.07
C GLY A 151 12.57 5.52 24.27
N ALA A 152 12.09 6.75 24.12
CA ALA A 152 12.19 7.76 25.17
C ALA A 152 10.91 7.82 26.00
N VAL A 153 11.08 7.80 27.32
CA VAL A 153 9.96 7.90 28.25
C VAL A 153 10.18 9.12 29.13
N PHE A 154 9.17 9.97 29.19
CA PHE A 154 9.20 11.21 29.96
C PHE A 154 8.40 11.07 31.23
N SER A 155 8.94 11.62 32.32
CA SER A 155 8.19 11.76 33.58
C SER A 155 8.44 13.16 34.12
N GLU A 156 7.77 13.54 35.21
CA GLU A 156 7.86 14.92 35.68
C GLU A 156 9.31 15.39 35.84
N ASP A 157 10.17 14.53 36.41
CA ASP A 157 11.54 14.91 36.77
C ASP A 157 12.62 14.12 36.04
N SER A 158 12.27 13.41 34.97
CA SER A 158 13.25 12.56 34.30
C SER A 158 12.93 12.24 32.85
N VAL A 159 13.98 11.88 32.12
CA VAL A 159 13.83 11.29 30.80
C VAL A 159 14.65 10.00 30.79
N SER A 160 14.06 8.91 30.30
CA SER A 160 14.79 7.65 30.15
C SER A 160 14.79 7.18 28.70
N LEU A 161 15.85 6.45 28.33
CA LEU A 161 16.01 5.88 27.01
C LEU A 161 16.13 4.35 27.14
N HIS A 162 15.51 3.63 26.22
CA HIS A 162 15.50 2.17 26.25
C HIS A 162 15.67 1.64 24.83
N LEU A 163 16.66 0.77 24.64
CA LEU A 163 16.99 0.21 23.34
C LEU A 163 17.14 -1.31 23.44
N TRP A 164 16.40 -2.06 22.63
CA TRP A 164 16.54 -3.53 22.58
C TRP A 164 17.72 -3.89 21.67
N ALA A 165 18.76 -4.44 22.26
CA ALA A 165 20.00 -4.79 21.51
C ALA A 165 20.72 -5.91 22.22
N PRO A 166 20.10 -7.09 22.24
CA PRO A 166 20.66 -8.16 23.07
C PRO A 166 22.01 -8.75 22.59
N THR A 167 22.37 -8.54 21.32
CA THR A 167 23.66 -9.00 20.81
C THR A 167 24.78 -7.96 20.98
N ALA A 168 24.44 -6.75 21.42
CA ALA A 168 25.44 -5.69 21.54
C ALA A 168 26.38 -5.94 22.72
N GLN A 169 27.66 -5.63 22.52
CA GLN A 169 28.64 -5.70 23.59
C GLN A 169 28.60 -4.44 24.47
N GLY A 170 28.14 -3.33 23.89
CA GLY A 170 28.01 -2.07 24.60
C GLY A 170 27.12 -1.09 23.86
N VAL A 171 26.44 -0.24 24.63
CA VAL A 171 25.62 0.84 24.08
C VAL A 171 25.84 2.10 24.91
N SER A 172 26.15 3.19 24.22
CA SER A 172 26.24 4.50 24.83
C SER A 172 25.35 5.45 24.03
N VAL A 173 25.07 6.61 24.60
CA VAL A 173 24.32 7.64 23.89
C VAL A 173 25.18 8.90 23.83
N CYS A 174 25.23 9.52 22.65
N CYS A 174 25.29 9.51 22.65
CA CYS A 174 25.89 10.79 22.44
CA CYS A 174 25.93 10.81 22.51
C CYS A 174 24.79 11.85 22.39
C CYS A 174 24.84 11.86 22.37
N PHE A 175 24.92 12.88 23.22
CA PHE A 175 23.98 14.02 23.22
C PHE A 175 24.58 15.25 22.55
N PHE A 176 23.72 16.00 21.85
CA PHE A 176 24.04 17.24 21.15
C PHE A 176 22.97 18.30 21.51
N ASP A 177 23.36 19.57 21.57
CA ASP A 177 22.41 20.66 21.91
C ASP A 177 21.62 21.20 20.73
N GLY A 178 21.94 20.73 19.53
CA GLY A 178 21.20 21.12 18.34
C GLY A 178 21.46 20.15 17.21
N PRO A 179 20.89 20.41 16.02
CA PRO A 179 21.06 19.50 14.89
C PRO A 179 22.45 19.47 14.26
N ALA A 180 23.25 20.52 14.44
CA ALA A 180 24.60 20.59 13.86
C ALA A 180 25.75 20.65 14.87
N GLY A 181 25.47 20.94 16.13
CA GLY A 181 26.59 21.07 17.08
C GLY A 181 27.42 19.80 17.32
N PRO A 182 28.58 19.94 17.96
CA PRO A 182 29.36 18.80 18.43
C PRO A 182 28.71 18.12 19.66
N ALA A 183 29.17 16.92 19.97
CA ALA A 183 28.65 16.20 21.12
C ALA A 183 28.99 16.96 22.39
N LEU A 184 28.03 17.04 23.30
CA LEU A 184 28.26 17.71 24.59
C LEU A 184 28.64 16.70 25.66
N GLU A 185 28.15 15.47 25.52
CA GLU A 185 28.47 14.42 26.48
C GLU A 185 28.09 13.05 25.92
N THR A 186 28.73 12.04 26.48
CA THR A 186 28.47 10.65 26.16
C THR A 186 28.08 9.96 27.47
N VAL A 187 26.99 9.20 27.46
CA VAL A 187 26.52 8.48 28.65
C VAL A 187 26.43 6.98 28.32
N GLN A 188 26.87 6.16 29.27
CA GLN A 188 26.80 4.71 29.11
C GLN A 188 25.41 4.21 29.48
N LEU A 189 24.87 3.31 28.67
CA LEU A 189 23.66 2.58 29.03
C LEU A 189 24.03 1.25 29.70
N LYS A 190 23.11 0.73 30.50
CA LYS A 190 23.28 -0.55 31.20
C LYS A 190 22.21 -1.51 30.73
N GLU A 191 22.61 -2.76 30.54
CA GLU A 191 21.75 -3.79 29.99
C GLU A 191 21.03 -4.59 31.07
N SER A 192 19.75 -4.84 30.83
CA SER A 192 18.98 -5.81 31.61
C SER A 192 18.06 -6.55 30.66
N ASN A 193 18.15 -7.88 30.68
CA ASN A 193 17.33 -8.74 29.82
C ASN A 193 17.31 -8.29 28.35
N GLY A 194 18.47 -7.97 27.81
CA GLY A 194 18.58 -7.59 26.40
C GLY A 194 18.32 -6.14 26.04
N VAL A 195 17.86 -5.36 27.03
CA VAL A 195 17.46 -3.98 26.84
C VAL A 195 18.42 -3.05 27.57
N TRP A 196 18.95 -2.10 26.83
CA TRP A 196 19.90 -1.12 27.33
C TRP A 196 19.13 0.14 27.71
N SER A 197 19.40 0.64 28.92
CA SER A 197 18.66 1.79 29.45
CA SER A 197 18.65 1.78 29.48
C SER A 197 19.53 2.76 30.23
N VAL A 198 19.06 4.00 30.29
CA VAL A 198 19.65 5.03 31.13
C VAL A 198 18.58 6.06 31.45
N THR A 199 18.64 6.60 32.65
CA THR A 199 17.75 7.68 33.06
C THR A 199 18.54 8.94 33.34
N GLY A 200 18.02 10.07 32.89
CA GLY A 200 18.64 11.37 33.14
C GLY A 200 17.60 12.39 33.59
N PRO A 201 18.01 13.65 33.78
CA PRO A 201 17.10 14.67 34.26
C PRO A 201 16.12 15.14 33.18
N ARG A 202 15.07 15.84 33.59
CA ARG A 202 14.08 16.37 32.63
C ARG A 202 14.74 17.25 31.57
N GLU A 203 15.87 17.87 31.91
CA GLU A 203 16.56 18.82 31.03
C GLU A 203 17.12 18.18 29.75
N TRP A 204 17.20 16.85 29.72
CA TRP A 204 17.54 16.13 28.49
C TRP A 204 16.51 16.37 27.37
N GLU A 205 15.29 16.76 27.73
CA GLU A 205 14.23 17.05 26.77
C GLU A 205 14.72 18.03 25.71
N ASN A 206 14.44 17.70 24.45
CA ASN A 206 14.76 18.53 23.28
C ASN A 206 16.23 18.55 22.88
N ARG A 207 17.07 17.79 23.57
CA ARG A 207 18.39 17.47 23.03
C ARG A 207 18.23 16.61 21.80
N TYR A 208 19.28 16.57 20.99
CA TYR A 208 19.42 15.58 19.93
C TYR A 208 20.37 14.48 20.41
N TYR A 209 20.19 13.29 19.87
CA TYR A 209 21.01 12.15 20.27
C TYR A 209 21.16 11.08 19.21
N LEU A 210 22.20 10.28 19.39
CA LEU A 210 22.45 9.06 18.65
C LEU A 210 22.95 8.01 19.63
N TYR A 211 22.64 6.75 19.33
CA TYR A 211 23.24 5.62 20.04
C TYR A 211 24.55 5.22 19.37
N GLU A 212 25.52 4.84 20.19
CA GLU A 212 26.73 4.21 19.73
C GLU A 212 26.65 2.76 20.18
N VAL A 213 26.55 1.85 19.21
CA VAL A 213 26.28 0.44 19.45
C VAL A 213 27.48 -0.37 18.96
N ASP A 214 28.12 -1.07 19.89
CA ASP A 214 29.26 -1.95 19.60
C ASP A 214 28.72 -3.36 19.43
N VAL A 215 28.79 -3.92 18.22
CA VAL A 215 28.11 -5.18 17.92
C VAL A 215 28.74 -5.93 16.73
N TYR A 216 28.65 -7.26 16.79
CA TYR A 216 29.18 -8.12 15.75
C TYR A 216 28.30 -8.06 14.52
N HIS A 217 28.90 -7.65 13.41
CA HIS A 217 28.24 -7.57 12.10
C HIS A 217 28.70 -8.70 11.20
N PRO A 218 27.80 -9.67 10.91
CA PRO A 218 28.18 -10.84 10.09
C PRO A 218 28.71 -10.47 8.71
N THR A 219 28.19 -9.40 8.10
CA THR A 219 28.64 -9.03 6.75
C THR A 219 30.12 -8.60 6.72
N LYS A 220 30.65 -8.15 7.85
CA LYS A 220 32.06 -7.77 7.94
C LYS A 220 32.90 -8.69 8.82
N ALA A 221 32.28 -9.69 9.44
CA ALA A 221 32.96 -10.58 10.40
C ALA A 221 33.81 -9.84 11.46
N GLN A 222 33.27 -8.73 11.97
CA GLN A 222 33.95 -7.84 12.91
C GLN A 222 32.95 -7.25 13.89
N VAL A 223 33.43 -6.92 15.09
CA VAL A 223 32.66 -6.14 16.06
C VAL A 223 32.91 -4.68 15.70
N LEU A 224 31.84 -3.95 15.38
CA LEU A 224 31.95 -2.58 14.90
C LEU A 224 31.13 -1.65 15.76
N LYS A 225 31.62 -0.43 15.92
CA LYS A 225 30.94 0.65 16.63
C LYS A 225 30.13 1.44 15.61
N CYS A 226 28.80 1.36 15.73
CA CYS A 226 27.88 1.94 14.76
C CYS A 226 27.09 3.06 15.44
N LEU A 227 26.91 4.18 14.75
CA LEU A 227 26.11 5.30 15.27
C LEU A 227 24.74 5.23 14.62
N ALA A 228 23.70 5.10 15.44
CA ALA A 228 22.35 4.85 14.93
C ALA A 228 21.31 5.65 15.69
N GLY A 229 20.29 6.10 14.95
CA GLY A 229 19.11 6.68 15.56
C GLY A 229 18.25 5.68 16.31
N ASP A 230 17.24 6.17 17.00
CA ASP A 230 16.35 5.34 17.79
C ASP A 230 15.25 4.73 16.89
N PRO A 231 15.10 3.39 16.89
CA PRO A 231 13.97 2.78 16.17
C PRO A 231 12.60 3.36 16.57
N TYR A 232 12.50 3.81 17.81
CA TYR A 232 11.28 4.39 18.35
C TYR A 232 11.28 5.92 18.27
N ALA A 233 12.11 6.49 17.39
CA ALA A 233 12.14 7.95 17.23
C ALA A 233 10.76 8.51 16.92
N ARG A 234 10.48 9.67 17.47
CA ARG A 234 9.27 10.42 17.12
C ARG A 234 9.58 11.74 16.38
N SER A 235 10.83 12.17 16.42
CA SER A 235 11.29 13.20 15.49
C SER A 235 12.78 13.09 15.26
N LEU A 236 13.24 13.80 14.23
CA LEU A 236 14.60 13.68 13.70
C LEU A 236 15.06 15.03 13.20
N SER A 237 16.37 15.24 13.15
CA SER A 237 16.96 16.34 12.38
C SER A 237 16.92 15.99 10.88
N ALA A 238 17.36 16.91 10.03
CA ALA A 238 17.33 16.68 8.60
C ALA A 238 18.02 15.35 8.25
N ASN A 239 17.37 14.60 7.37
CA ASN A 239 17.84 13.30 6.88
C ASN A 239 17.99 12.24 7.96
N GLY A 240 17.34 12.45 9.10
CA GLY A 240 17.45 11.51 10.20
C GLY A 240 18.83 11.43 10.81
N ALA A 241 19.65 12.46 10.64
CA ALA A 241 21.04 12.41 11.10
C ALA A 241 21.16 12.22 12.61
N ARG A 242 20.25 12.83 13.36
CA ARG A 242 20.15 12.72 14.81
C ARG A 242 18.69 12.56 15.19
N THR A 243 18.45 11.95 16.34
CA THR A 243 17.10 11.78 16.89
C THR A 243 16.80 12.95 17.83
N TRP A 244 15.63 13.57 17.69
CA TRP A 244 15.23 14.67 18.55
C TRP A 244 14.47 14.13 19.74
N LEU A 245 14.94 14.43 20.95
CA LEU A 245 14.40 13.87 22.18
C LEU A 245 13.18 14.72 22.61
N VAL A 246 12.16 14.68 21.77
CA VAL A 246 10.95 15.50 21.93
C VAL A 246 9.87 14.69 22.68
N ASP A 247 9.12 15.35 23.54
CA ASP A 247 7.94 14.73 24.16
C ASP A 247 6.75 14.92 23.19
N ILE A 248 6.30 13.82 22.58
CA ILE A 248 5.25 13.86 21.55
C ILE A 248 3.92 14.41 22.09
N ASN A 249 3.75 14.39 23.41
CA ASN A 249 2.56 14.97 24.04
C ASN A 249 2.62 16.46 24.41
N ASN A 250 3.72 17.12 24.07
CA ASN A 250 3.86 18.53 24.38
C ASN A 250 2.76 19.38 23.74
N GLU A 251 2.19 20.27 24.54
CA GLU A 251 1.11 21.13 24.09
C GLU A 251 1.47 21.97 22.86
N THR A 252 2.74 22.39 22.75
CA THR A 252 3.16 23.25 21.64
C THR A 252 3.20 22.56 20.28
N LEU A 253 3.16 21.23 20.29
CA LEU A 253 3.10 20.43 19.04
C LEU A 253 1.67 20.19 18.53
N LYS A 254 0.67 20.69 19.27
CA LYS A 254 -0.73 20.48 18.93
C LYS A 254 -1.29 21.70 18.19
N PRO A 255 -1.85 21.48 16.99
CA PRO A 255 -2.58 22.57 16.34
C PRO A 255 -3.76 22.99 17.22
N ALA A 256 -4.26 24.19 17.01
CA ALA A 256 -5.47 24.64 17.67
C ALA A 256 -6.60 23.59 17.49
N SER A 257 -7.28 23.29 18.59
CA SER A 257 -8.40 22.35 18.64
C SER A 257 -8.04 20.90 18.35
N TRP A 258 -6.76 20.56 18.42
CA TRP A 258 -6.28 19.20 18.12
C TRP A 258 -7.00 18.17 18.98
N ASP A 259 -7.11 18.41 20.29
CA ASP A 259 -7.70 17.41 21.18
C ASP A 259 -9.20 17.19 20.95
N GLU A 260 -9.85 18.13 20.27
CA GLU A 260 -11.26 18.00 19.88
C GLU A 260 -11.47 17.33 18.51
N LEU A 261 -10.40 16.89 17.85
CA LEU A 261 -10.54 16.42 16.46
C LEU A 261 -11.47 15.21 16.30
N ALA A 262 -11.45 14.28 17.25
CA ALA A 262 -12.34 13.12 17.17
C ALA A 262 -13.83 13.51 17.00
N ASP A 263 -14.23 14.57 17.71
CA ASP A 263 -15.60 15.10 17.63
C ASP A 263 -15.90 15.72 16.26
N GLU A 264 -14.87 16.24 15.61
CA GLU A 264 -14.99 16.92 14.31
C GLU A 264 -14.79 15.98 13.13
N LYS A 265 -14.38 14.74 13.38
CA LYS A 265 -14.09 13.85 12.26
C LYS A 265 -15.35 13.49 11.49
N PRO A 266 -15.21 13.30 10.16
CA PRO A 266 -16.32 12.86 9.34
C PRO A 266 -16.93 11.58 9.87
N LYS A 267 -18.26 11.53 9.97
CA LYS A 267 -18.96 10.33 10.34
C LYS A 267 -18.64 9.18 9.37
N LEU A 268 -18.45 7.98 9.94
CA LEU A 268 -18.32 6.77 9.14
C LEU A 268 -19.17 5.69 9.79
N ASP A 269 -20.33 5.43 9.19
CA ASP A 269 -21.29 4.50 9.80
C ASP A 269 -20.80 3.06 9.69
N SER A 270 -20.10 2.76 8.59
CA SER A 270 -19.74 1.41 8.25
C SER A 270 -18.52 1.47 7.35
N PHE A 271 -17.66 0.44 7.41
CA PHE A 271 -16.59 0.31 6.40
C PHE A 271 -17.17 0.17 4.99
N SER A 272 -18.42 -0.29 4.90
CA SER A 272 -19.05 -0.45 3.60
C SER A 272 -19.29 0.89 2.88
N ASP A 273 -19.19 2.00 3.62
CA ASP A 273 -19.37 3.34 3.03
C ASP A 273 -18.10 3.97 2.50
N ILE A 274 -16.98 3.24 2.55
CA ILE A 274 -15.67 3.79 2.18
C ILE A 274 -15.49 3.86 0.67
N THR A 275 -14.99 5.00 0.20
CA THR A 275 -14.34 5.15 -1.12
C THR A 275 -12.97 5.78 -0.89
N ILE A 276 -11.98 5.36 -1.68
CA ILE A 276 -10.60 5.78 -1.49
C ILE A 276 -10.03 6.52 -2.71
N TYR A 277 -9.26 7.58 -2.45
CA TYR A 277 -8.61 8.40 -3.48
C TYR A 277 -7.12 8.42 -3.14
N GLU A 278 -6.28 7.89 -4.03
CA GLU A 278 -4.86 7.65 -3.74
C GLU A 278 -4.00 8.79 -4.29
N LEU A 279 -3.35 9.53 -3.40
CA LEU A 279 -2.68 10.78 -3.71
C LEU A 279 -1.26 10.86 -3.13
N HIS A 280 -0.33 11.41 -3.92
CA HIS A 280 1.05 11.72 -3.48
C HIS A 280 1.11 13.19 -3.01
N ILE A 281 1.74 13.40 -1.86
CA ILE A 281 1.79 14.71 -1.21
C ILE A 281 2.46 15.75 -2.09
N ARG A 282 3.58 15.41 -2.74
CA ARG A 282 4.23 16.39 -3.61
C ARG A 282 3.42 16.64 -4.89
N ASP A 283 2.93 15.59 -5.54
CA ASP A 283 2.06 15.73 -6.72
C ASP A 283 0.92 16.71 -6.47
N PHE A 284 0.33 16.65 -5.27
CA PHE A 284 -0.86 17.43 -4.96
C PHE A 284 -0.66 18.92 -5.20
N SER A 285 0.49 19.45 -4.81
CA SER A 285 0.70 20.90 -4.83
C SER A 285 1.94 21.43 -5.53
N ALA A 286 2.79 20.56 -6.07
CA ALA A 286 4.04 20.99 -6.72
C ALA A 286 3.81 22.01 -7.83
N HIS A 287 2.68 21.88 -8.53
CA HIS A 287 2.35 22.73 -9.67
C HIS A 287 1.24 23.71 -9.36
N ASP A 288 0.81 23.79 -8.10
CA ASP A 288 -0.41 24.54 -7.79
C ASP A 288 -0.07 26.00 -7.47
N GLY A 289 -0.28 26.86 -8.47
CA GLY A 289 0.02 28.28 -8.37
C GLY A 289 -0.80 29.05 -7.35
N THR A 290 -1.89 28.46 -6.88
CA THR A 290 -2.72 29.07 -5.85
C THR A 290 -2.18 28.84 -4.45
N VAL A 291 -1.15 28.01 -4.33
CA VAL A 291 -0.44 27.82 -3.08
C VAL A 291 0.83 28.64 -3.15
N ASP A 292 1.14 29.34 -2.06
CA ASP A 292 2.37 30.15 -1.97
C ASP A 292 3.56 29.30 -2.38
N SER A 293 4.42 29.89 -3.22
CA SER A 293 5.59 29.23 -3.78
C SER A 293 6.39 28.43 -2.74
N ASP A 294 6.65 29.03 -1.59
CA ASP A 294 7.48 28.37 -0.58
C ASP A 294 6.79 27.27 0.21
N SER A 295 5.49 27.08 -0.02
CA SER A 295 4.69 26.07 0.67
C SER A 295 4.15 25.00 -0.29
N ARG A 296 4.70 24.93 -1.50
CA ARG A 296 4.29 23.87 -2.45
C ARG A 296 5.08 22.60 -2.18
N GLY A 297 4.39 21.47 -2.23
CA GLY A 297 5.03 20.17 -2.27
C GLY A 297 4.98 19.36 -1.00
N GLY A 298 4.49 19.96 0.08
CA GLY A 298 4.55 19.35 1.41
C GLY A 298 3.25 19.38 2.20
N PHE A 299 3.39 19.20 3.51
CA PHE A 299 2.25 19.08 4.42
C PHE A 299 1.46 20.38 4.47
N ARG A 300 2.18 21.49 4.47
CA ARG A 300 1.55 22.84 4.61
C ARG A 300 0.58 23.20 3.49
N ALA A 301 0.77 22.62 2.30
CA ALA A 301 -0.12 22.92 1.17
C ALA A 301 -1.57 22.55 1.47
N PHE A 302 -1.77 21.59 2.38
CA PHE A 302 -3.13 21.17 2.71
C PHE A 302 -3.85 22.16 3.62
N ALA A 303 -3.12 23.12 4.19
CA ALA A 303 -3.72 24.17 5.02
C ALA A 303 -4.26 25.35 4.19
N TYR A 304 -4.04 25.33 2.87
CA TYR A 304 -4.54 26.36 1.94
C TYR A 304 -5.94 25.97 1.48
N GLN A 305 -6.91 26.19 2.37
CA GLN A 305 -8.30 25.76 2.18
C GLN A 305 -8.98 26.23 0.88
N ALA A 306 -8.56 27.38 0.38
CA ALA A 306 -9.13 27.97 -0.85
C ALA A 306 -8.32 27.68 -2.11
N SER A 307 -7.28 26.85 -2.00
CA SER A 307 -6.42 26.52 -3.15
C SER A 307 -7.18 25.68 -4.15
N ALA A 308 -6.70 25.65 -5.39
CA ALA A 308 -7.33 24.86 -6.43
C ALA A 308 -7.33 23.37 -6.04
N GLY A 309 -6.24 22.91 -5.43
CA GLY A 309 -6.16 21.52 -4.96
C GLY A 309 -7.15 21.18 -3.87
N MET A 310 -7.27 22.03 -2.86
CA MET A 310 -8.20 21.77 -1.77
C MET A 310 -9.66 21.94 -2.22
N GLU A 311 -9.93 22.88 -3.14
CA GLU A 311 -11.26 23.01 -3.70
C GLU A 311 -11.62 21.73 -4.48
N HIS A 312 -10.63 21.16 -5.15
CA HIS A 312 -10.83 19.91 -5.89
C HIS A 312 -11.21 18.79 -4.93
N LEU A 313 -10.42 18.62 -3.88
CA LEU A 313 -10.73 17.59 -2.88
C LEU A 313 -12.09 17.81 -2.23
N ARG A 314 -12.43 19.07 -1.96
CA ARG A 314 -13.73 19.40 -1.35
C ARG A 314 -14.89 19.01 -2.29
N LYS A 315 -14.71 19.22 -3.59
CA LYS A 315 -15.69 18.85 -4.60
C LYS A 315 -15.94 17.34 -4.59
N LEU A 316 -14.85 16.57 -4.53
CA LEU A 316 -14.96 15.12 -4.48
C LEU A 316 -15.59 14.63 -3.18
N SER A 317 -15.17 15.22 -2.05
CA SER A 317 -15.73 14.85 -0.76
C SER A 317 -17.22 15.15 -0.68
N ASP A 318 -17.62 16.33 -1.16
CA ASP A 318 -19.04 16.70 -1.20
C ASP A 318 -19.88 15.71 -2.00
N ALA A 319 -19.29 15.15 -3.05
CA ALA A 319 -19.97 14.17 -3.90
C ALA A 319 -20.08 12.81 -3.21
N GLY A 320 -19.25 12.59 -2.19
CA GLY A 320 -19.31 11.35 -1.43
C GLY A 320 -18.01 10.67 -1.11
N LEU A 321 -16.90 11.08 -1.73
CA LEU A 321 -15.59 10.49 -1.38
C LEU A 321 -15.34 10.56 0.12
N THR A 322 -14.89 9.45 0.73
CA THR A 322 -14.69 9.42 2.19
C THR A 322 -13.23 9.44 2.65
N HIS A 323 -12.32 8.86 1.87
CA HIS A 323 -10.94 8.64 2.33
C HIS A 323 -9.91 9.05 1.30
N VAL A 324 -8.84 9.69 1.77
CA VAL A 324 -7.68 10.01 0.95
C VAL A 324 -6.50 9.18 1.49
N HIS A 325 -5.91 8.39 0.62
CA HIS A 325 -4.77 7.53 0.89
C HIS A 325 -3.55 8.31 0.40
N LEU A 326 -2.68 8.67 1.33
CA LEU A 326 -1.47 9.44 1.03
C LEU A 326 -0.30 8.47 0.86
N LEU A 327 0.48 8.65 -0.21
CA LEU A 327 1.69 7.88 -0.40
C LEU A 327 2.66 8.12 0.75
N PRO A 328 3.69 7.26 0.87
CA PRO A 328 4.52 7.22 2.08
C PRO A 328 4.97 8.58 2.62
N SER A 329 4.73 8.77 3.91
CA SER A 329 4.97 10.08 4.50
C SER A 329 5.78 10.06 5.81
N PHE A 330 6.39 8.91 6.09
CA PHE A 330 7.29 8.73 7.22
C PHE A 330 8.71 8.98 6.71
N HIS A 331 9.72 8.73 7.55
CA HIS A 331 11.10 9.02 7.17
C HIS A 331 11.64 7.99 6.19
N PHE A 332 11.65 8.36 4.92
CA PHE A 332 12.17 7.52 3.83
C PHE A 332 13.38 8.16 3.18
N ALA A 333 14.22 7.31 2.57
CA ALA A 333 15.39 7.77 1.82
C ALA A 333 15.01 8.09 0.36
N GLY A 334 15.85 8.87 -0.29
CA GLY A 334 15.71 9.13 -1.72
C GLY A 334 15.33 10.56 -2.04
N VAL A 335 15.03 11.34 -1.01
CA VAL A 335 14.87 12.79 -1.15
C VAL A 335 15.63 13.44 0.01
N ASP A 336 16.48 14.40 -0.32
CA ASP A 336 17.25 15.11 0.69
C ASP A 336 16.29 16.05 1.42
N ASP A 337 16.30 16.03 2.74
CA ASP A 337 15.48 16.96 3.53
C ASP A 337 16.01 18.40 3.46
N ILE A 338 17.26 18.56 3.01
CA ILE A 338 17.90 19.88 2.93
C ILE A 338 17.55 20.48 1.56
N LYS A 339 16.60 21.42 1.56
CA LYS A 339 16.04 21.95 0.31
C LYS A 339 17.05 22.72 -0.55
N SER A 340 18.08 23.27 0.08
CA SER A 340 19.13 23.96 -0.67
C SER A 340 19.93 23.02 -1.61
N ASN A 341 19.77 21.70 -1.45
CA ASN A 341 20.39 20.73 -2.37
C ASN A 341 19.51 20.26 -3.52
N TRP A 342 18.25 20.70 -3.55
CA TRP A 342 17.32 20.30 -4.59
C TRP A 342 17.67 20.91 -5.95
N LYS A 343 17.56 20.08 -6.98
CA LYS A 343 17.74 20.47 -8.37
C LYS A 343 16.44 20.39 -9.15
N PHE A 344 16.36 21.20 -10.21
CA PHE A 344 15.15 21.34 -11.01
C PHE A 344 15.50 21.41 -12.50
N VAL A 345 14.68 20.78 -13.34
CA VAL A 345 14.81 20.97 -14.78
C VAL A 345 14.30 22.36 -15.14
N ASP A 346 14.72 22.85 -16.31
CA ASP A 346 14.18 24.09 -16.86
C ASP A 346 12.87 23.72 -17.54
N GLU A 347 11.75 23.92 -16.85
CA GLU A 347 10.45 23.44 -17.33
C GLU A 347 9.97 24.29 -18.55
N CYS A 348 10.53 25.48 -18.72
CA CYS A 348 10.31 26.26 -19.94
C CYS A 348 11.00 25.64 -21.16
N GLU A 349 12.28 25.28 -21.02
CA GLU A 349 13.01 24.62 -22.10
C GLU A 349 12.40 23.26 -22.48
N LEU A 350 12.06 22.45 -21.47
CA LEU A 350 11.50 21.12 -21.76
C LEU A 350 10.16 21.19 -22.49
N ALA A 351 9.38 22.24 -22.22
CA ALA A 351 8.10 22.46 -22.88
C ALA A 351 8.25 22.71 -24.39
N THR A 352 9.42 23.18 -24.81
CA THR A 352 9.71 23.39 -26.23
C THR A 352 10.08 22.10 -26.98
N PHE A 353 10.37 21.02 -26.26
CA PHE A 353 10.81 19.79 -26.92
C PHE A 353 9.58 19.07 -27.51
N PRO A 354 9.78 18.28 -28.59
CA PRO A 354 8.66 17.55 -29.21
C PRO A 354 8.00 16.51 -28.28
N PRO A 355 6.68 16.29 -28.45
CA PRO A 355 5.91 15.45 -27.53
C PRO A 355 6.37 14.00 -27.46
N GLY A 356 7.04 13.53 -28.51
CA GLY A 356 7.61 12.19 -28.56
C GLY A 356 9.12 12.12 -28.50
N SER A 357 9.76 13.23 -28.12
CA SER A 357 11.20 13.29 -27.94
C SER A 357 11.64 12.51 -26.71
N ASP A 358 12.90 12.08 -26.71
CA ASP A 358 13.52 11.46 -25.54
C ASP A 358 14.33 12.44 -24.71
N MET A 359 14.29 13.72 -25.10
CA MET A 359 15.11 14.74 -24.42
C MET A 359 14.57 15.13 -23.04
N GLN A 360 13.25 15.19 -22.88
CA GLN A 360 12.67 15.54 -21.59
C GLN A 360 13.09 14.55 -20.52
N GLN A 361 12.94 13.25 -20.81
CA GLN A 361 13.30 12.23 -19.82
C GLN A 361 14.81 12.22 -19.53
N ALA A 362 15.64 12.49 -20.54
CA ALA A 362 17.08 12.54 -20.32
C ALA A 362 17.40 13.64 -19.31
N ALA A 363 16.74 14.79 -19.44
CA ALA A 363 16.97 15.91 -18.52
C ALA A 363 16.48 15.61 -17.09
N VAL A 364 15.32 14.98 -16.99
CA VAL A 364 14.76 14.61 -15.68
C VAL A 364 15.68 13.59 -15.02
N VAL A 365 16.09 12.58 -15.78
CA VAL A 365 16.91 11.51 -15.24
C VAL A 365 18.29 12.01 -14.80
N ALA A 366 18.81 13.05 -15.49
CA ALA A 366 20.15 13.57 -15.16
C ALA A 366 20.23 14.08 -13.73
N ILE A 367 19.10 14.54 -13.19
CA ILE A 367 19.06 15.04 -11.81
C ILE A 367 18.08 14.29 -10.91
N GLN A 368 17.62 13.11 -11.31
CA GLN A 368 16.56 12.44 -10.54
C GLN A 368 16.99 11.99 -9.14
N GLU A 369 18.29 11.89 -8.86
CA GLU A 369 18.75 11.55 -7.51
C GLU A 369 18.97 12.77 -6.62
N GLU A 370 18.77 13.95 -7.18
CA GLU A 370 19.00 15.20 -6.47
C GLU A 370 17.80 16.15 -6.53
N ASP A 371 16.67 15.67 -7.02
CA ASP A 371 15.45 16.47 -7.10
C ASP A 371 14.58 16.24 -5.84
N PRO A 372 13.45 16.98 -5.71
CA PRO A 372 12.62 16.85 -4.50
C PRO A 372 11.70 15.63 -4.51
N TYR A 373 11.85 14.78 -5.52
CA TYR A 373 10.79 13.80 -5.86
C TYR A 373 11.13 12.32 -5.60
N ASN A 374 10.27 11.66 -4.83
CA ASN A 374 10.25 10.19 -4.80
C ASN A 374 8.89 9.75 -4.26
N TRP A 375 8.33 8.64 -4.74
CA TRP A 375 7.12 8.11 -4.11
C TRP A 375 7.31 7.84 -2.60
N GLY A 376 8.51 7.38 -2.21
CA GLY A 376 8.89 7.20 -0.81
C GLY A 376 8.86 5.78 -0.24
N TYR A 377 8.84 4.77 -1.10
CA TYR A 377 8.80 3.37 -0.65
C TYR A 377 10.21 2.85 -0.19
N ASN A 378 10.94 3.68 0.57
CA ASN A 378 12.35 3.41 0.97
C ASN A 378 12.52 3.65 2.47
N PRO A 379 12.00 2.74 3.31
CA PRO A 379 11.89 3.06 4.74
C PRO A 379 13.20 3.14 5.50
N VAL A 380 13.33 4.16 6.34
CA VAL A 380 14.42 4.27 7.28
C VAL A 380 13.86 4.20 8.71
N LEU A 381 13.03 5.18 9.07
CA LEU A 381 12.36 5.18 10.38
C LEU A 381 10.87 5.43 10.23
N TRP A 382 10.08 4.45 10.65
CA TRP A 382 8.65 4.43 10.39
C TRP A 382 7.84 5.46 11.17
N GLY A 383 8.33 5.88 12.33
CA GLY A 383 7.49 6.65 13.25
C GLY A 383 7.57 8.16 13.19
N VAL A 384 8.28 8.69 12.19
CA VAL A 384 8.57 10.11 12.09
C VAL A 384 8.10 10.66 10.74
N PRO A 385 7.43 11.82 10.71
CA PRO A 385 7.09 12.41 9.41
C PRO A 385 8.32 12.74 8.55
N LYS A 386 8.18 12.61 7.23
CA LYS A 386 9.26 12.97 6.28
C LYS A 386 9.62 14.46 6.35
N GLY A 387 10.90 14.73 6.57
CA GLY A 387 11.38 16.09 6.74
C GLY A 387 11.28 16.96 5.49
N SER A 388 11.42 16.36 4.32
CA SER A 388 11.37 17.10 3.06
C SER A 388 10.01 17.72 2.82
N TYR A 389 8.96 17.15 3.44
CA TYR A 389 7.60 17.67 3.34
C TYR A 389 7.26 18.70 4.40
N ALA A 390 8.20 18.98 5.31
CA ALA A 390 8.00 19.98 6.36
C ALA A 390 8.65 21.29 5.95
N SER A 391 8.18 22.39 6.53
CA SER A 391 8.80 23.70 6.26
C SER A 391 10.27 23.75 6.70
N ASP A 392 10.58 23.09 7.81
CA ASP A 392 11.91 23.11 8.41
C ASP A 392 12.17 21.70 8.95
N PRO A 393 13.16 20.99 8.38
CA PRO A 393 13.36 19.61 8.82
C PRO A 393 14.00 19.45 10.21
N ASP A 394 14.45 20.54 10.82
CA ASP A 394 14.92 20.51 12.20
C ASP A 394 13.83 21.09 13.10
N GLY A 395 13.66 20.53 14.28
CA GLY A 395 12.67 21.04 15.22
C GLY A 395 11.28 20.51 14.96
N PRO A 396 10.27 21.24 15.45
CA PRO A 396 8.93 20.66 15.55
C PRO A 396 8.01 20.72 14.32
N SER A 397 8.41 21.45 13.27
CA SER A 397 7.48 21.69 12.17
C SER A 397 6.95 20.42 11.53
N ARG A 398 7.78 19.38 11.41
CA ARG A 398 7.29 18.17 10.75
C ARG A 398 6.13 17.52 11.50
N ILE A 399 6.11 17.66 12.83
CA ILE A 399 5.05 17.10 13.65
C ILE A 399 3.77 17.94 13.54
N ILE A 400 3.88 19.23 13.80
CA ILE A 400 2.67 20.03 13.86
CA ILE A 400 2.71 20.12 13.81
C ILE A 400 2.05 20.17 12.46
N GLU A 401 2.88 20.26 11.41
CA GLU A 401 2.36 20.38 10.06
C GLU A 401 1.69 19.10 9.58
N TYR A 402 2.18 17.94 10.00
CA TYR A 402 1.51 16.68 9.68
C TYR A 402 0.12 16.67 10.33
N ARG A 403 0.06 17.06 11.60
CA ARG A 403 -1.24 17.12 12.32
C ARG A 403 -2.18 18.10 11.66
N GLN A 404 -1.64 19.23 11.25
CA GLN A 404 -2.45 20.25 10.56
C GLN A 404 -3.01 19.73 9.22
N MET A 405 -2.25 18.87 8.55
CA MET A 405 -2.73 18.24 7.33
C MET A 405 -3.89 17.28 7.59
N VAL A 406 -3.76 16.43 8.60
CA VAL A 406 -4.83 15.49 8.96
C VAL A 406 -6.10 16.29 9.32
N GLN A 407 -5.92 17.32 10.14
CA GLN A 407 -7.02 18.17 10.55
C GLN A 407 -7.69 18.86 9.35
N ALA A 408 -6.89 19.38 8.41
CA ALA A 408 -7.44 20.06 7.24
C ALA A 408 -8.26 19.13 6.35
N LEU A 409 -7.74 17.92 6.16
CA LEU A 409 -8.47 16.94 5.34
C LEU A 409 -9.76 16.53 6.05
N ASN A 410 -9.68 16.26 7.35
CA ASN A 410 -10.84 15.89 8.11
C ASN A 410 -11.92 17.00 8.02
N ARG A 411 -11.48 18.25 8.03
CA ARG A 411 -12.42 19.39 8.03
C ARG A 411 -13.14 19.61 6.71
N ILE A 412 -12.62 19.06 5.62
CA ILE A 412 -13.36 19.03 4.36
C ILE A 412 -14.05 17.67 4.09
N GLY A 413 -14.19 16.86 5.13
CA GLY A 413 -14.97 15.64 5.08
C GLY A 413 -14.22 14.38 4.66
N LEU A 414 -12.88 14.44 4.72
CA LEU A 414 -12.06 13.31 4.27
C LEU A 414 -11.27 12.70 5.42
N ARG A 415 -11.39 11.39 5.58
CA ARG A 415 -10.54 10.63 6.47
C ARG A 415 -9.20 10.32 5.77
N VAL A 416 -8.16 10.12 6.57
CA VAL A 416 -6.79 10.03 6.07
C VAL A 416 -6.24 8.63 6.29
N VAL A 417 -5.76 8.03 5.19
CA VAL A 417 -5.13 6.72 5.21
C VAL A 417 -3.62 6.91 4.92
N MET A 418 -2.79 6.24 5.71
CA MET A 418 -1.34 6.20 5.47
C MET A 418 -0.93 4.94 4.73
N ASP A 419 -0.05 5.14 3.75
CA ASP A 419 0.61 4.05 3.03
C ASP A 419 1.82 3.60 3.87
N VAL A 420 1.70 2.44 4.51
CA VAL A 420 2.72 1.96 5.42
C VAL A 420 3.51 0.85 4.73
N VAL A 421 4.81 0.88 4.96
CA VAL A 421 5.77 0.07 4.20
C VAL A 421 6.63 -0.71 5.19
N TYR A 422 6.07 -1.79 5.73
CA TYR A 422 6.71 -2.54 6.82
C TYR A 422 7.44 -3.77 6.29
N ASN A 423 7.41 -3.97 4.98
CA ASN A 423 7.91 -5.20 4.36
C ASN A 423 9.39 -5.16 3.99
N HIS A 424 10.02 -3.99 4.02
CA HIS A 424 11.44 -3.90 3.65
C HIS A 424 12.04 -2.61 4.15
N LEU A 425 13.37 -2.54 4.15
CA LEU A 425 14.12 -1.33 4.53
C LEU A 425 14.91 -0.78 3.36
N ASP A 426 15.15 0.54 3.39
CA ASP A 426 16.00 1.14 2.37
C ASP A 426 17.38 0.51 2.34
N SER A 427 17.97 0.35 3.52
CA SER A 427 19.36 -0.09 3.63
C SER A 427 19.53 -1.06 4.77
N SER A 428 20.64 -1.81 4.71
CA SER A 428 21.05 -2.70 5.79
C SER A 428 22.53 -2.51 6.04
N GLY A 429 23.05 -3.19 7.06
CA GLY A 429 24.48 -3.21 7.34
C GLY A 429 24.95 -2.10 8.25
N PRO A 430 26.24 -2.09 8.59
CA PRO A 430 26.82 -1.25 9.65
C PRO A 430 27.02 0.21 9.31
N CYS A 431 27.03 0.55 8.02
CA CYS A 431 27.46 1.87 7.58
C CYS A 431 26.34 2.59 6.81
N GLY A 432 26.43 3.92 6.77
CA GLY A 432 25.52 4.69 5.92
C GLY A 432 24.32 5.22 6.67
N ILE A 433 23.97 6.45 6.35
CA ILE A 433 22.97 7.20 7.10
C ILE A 433 21.58 6.59 7.01
N SER A 434 21.31 5.81 5.97
CA SER A 434 19.97 5.27 5.77
C SER A 434 19.71 3.90 6.41
N SER A 435 20.74 3.28 7.00
CA SER A 435 20.58 2.02 7.74
C SER A 435 20.46 2.31 9.24
N VAL A 436 19.35 1.90 9.86
CA VAL A 436 19.17 2.08 11.30
C VAL A 436 18.93 0.74 12.01
N LEU A 437 17.83 0.07 11.71
CA LEU A 437 17.48 -1.17 12.43
C LEU A 437 18.58 -2.23 12.36
N ASP A 438 19.15 -2.42 11.19
CA ASP A 438 20.20 -3.45 11.00
C ASP A 438 21.57 -3.04 11.54
N LYS A 439 21.78 -1.75 11.82
CA LYS A 439 22.98 -1.31 12.56
C LYS A 439 22.98 -1.78 14.00
N ILE A 440 21.79 -1.85 14.59
CA ILE A 440 21.63 -2.07 16.03
C ILE A 440 21.54 -3.54 16.41
N VAL A 441 20.70 -4.30 15.71
CA VAL A 441 20.62 -5.75 15.90
C VAL A 441 20.82 -6.42 14.54
N PRO A 442 22.08 -6.58 14.09
CA PRO A 442 22.28 -7.03 12.72
C PRO A 442 21.68 -8.42 12.50
N GLY A 443 21.14 -8.65 11.31
CA GLY A 443 20.58 -9.94 10.91
C GLY A 443 19.29 -10.37 11.59
N TYR A 444 18.57 -9.43 12.21
CA TYR A 444 17.35 -9.74 12.97
C TYR A 444 16.07 -9.10 12.40
N TYR A 445 16.11 -7.80 12.11
CA TYR A 445 14.97 -7.13 11.55
C TYR A 445 14.76 -7.49 10.09
N VAL A 446 15.81 -7.97 9.44
CA VAL A 446 15.76 -8.36 8.03
C VAL A 446 15.65 -9.86 7.91
N ARG A 447 14.87 -10.31 6.93
CA ARG A 447 14.74 -11.74 6.60
C ARG A 447 15.93 -12.19 5.77
N ARG A 448 16.35 -13.44 6.00
CA ARG A 448 17.55 -13.98 5.36
C ARG A 448 17.25 -15.36 4.74
N ASP A 449 18.04 -15.72 3.72
CA ASP A 449 17.91 -17.03 3.10
C ASP A 449 18.64 -18.07 3.95
N THR A 450 18.62 -19.32 3.50
CA THR A 450 19.25 -20.41 4.25
C THR A 450 20.77 -20.39 4.26
N ASN A 451 21.38 -19.49 3.48
CA ASN A 451 22.82 -19.22 3.60
C ASN A 451 23.15 -18.02 4.49
N GLY A 452 22.14 -17.33 4.99
CA GLY A 452 22.37 -16.16 5.82
C GLY A 452 22.34 -14.85 5.09
N GLN A 453 22.19 -14.89 3.77
CA GLN A 453 22.15 -13.65 2.96
C GLN A 453 20.76 -13.00 3.02
N ILE A 454 20.72 -11.67 3.15
CA ILE A 454 19.45 -10.94 3.21
C ILE A 454 18.58 -11.22 1.97
N GLU A 455 17.28 -11.42 2.20
CA GLU A 455 16.29 -11.59 1.14
C GLU A 455 15.88 -10.25 0.54
N ASN A 456 15.72 -10.19 -0.78
CA ASN A 456 15.47 -8.92 -1.48
C ASN A 456 14.21 -8.86 -2.33
N SER A 457 13.35 -9.87 -2.27
CA SER A 457 12.18 -9.90 -3.15
C SER A 457 11.19 -8.74 -3.02
N ALA A 458 11.19 -8.08 -1.86
CA ALA A 458 10.31 -6.92 -1.61
C ALA A 458 11.08 -5.62 -1.76
N ALA A 459 11.73 -5.45 -2.90
CA ALA A 459 12.44 -4.20 -3.22
C ALA A 459 13.69 -3.96 -2.37
N MET A 460 14.36 -5.06 -2.00
CA MET A 460 15.64 -5.09 -1.25
C MET A 460 15.47 -4.98 0.27
N ASN A 461 16.24 -5.76 1.01
CA ASN A 461 16.26 -5.72 2.49
C ASN A 461 14.89 -6.01 3.11
N ASN A 462 14.32 -7.14 2.73
CA ASN A 462 13.03 -7.57 3.27
C ASN A 462 13.08 -7.65 4.80
N THR A 463 12.02 -7.20 5.45
CA THR A 463 11.93 -7.36 6.90
C THR A 463 11.44 -8.76 7.26
N ALA A 464 11.59 -9.10 8.54
CA ALA A 464 11.13 -10.39 9.08
C ALA A 464 10.10 -10.20 10.19
N SER A 465 8.87 -9.89 9.78
CA SER A 465 7.78 -9.67 10.76
C SER A 465 7.45 -10.91 11.58
N GLU A 466 7.93 -12.07 11.13
CA GLU A 466 7.85 -13.33 11.89
C GLU A 466 8.63 -13.29 13.21
N HIS A 467 9.58 -12.37 13.34
CA HIS A 467 10.36 -12.21 14.56
C HIS A 467 9.65 -11.27 15.54
N PHE A 468 9.68 -11.63 16.81
CA PHE A 468 8.82 -11.00 17.85
C PHE A 468 8.94 -9.48 17.93
N MET A 469 10.17 -8.97 17.93
CA MET A 469 10.39 -7.53 18.11
C MET A 469 10.17 -6.74 16.83
N VAL A 470 10.19 -7.42 15.67
CA VAL A 470 9.78 -6.79 14.41
C VAL A 470 8.25 -6.59 14.40
N ASP A 471 7.52 -7.65 14.68
CA ASP A 471 6.09 -7.60 14.89
C ASP A 471 5.73 -6.51 15.91
N ARG A 472 6.47 -6.46 17.02
CA ARG A 472 6.23 -5.44 18.02
C ARG A 472 6.37 -4.02 17.46
N LEU A 473 7.47 -3.78 16.74
CA LEU A 473 7.75 -2.45 16.20
C LEU A 473 6.68 -2.04 15.19
N ILE A 474 6.21 -2.98 14.37
CA ILE A 474 5.16 -2.71 13.39
C ILE A 474 3.86 -2.29 14.09
N VAL A 475 3.42 -3.07 15.06
CA VAL A 475 2.18 -2.74 15.78
C VAL A 475 2.34 -1.42 16.57
N ASP A 476 3.47 -1.23 17.24
CA ASP A 476 3.71 0.01 17.98
C ASP A 476 3.70 1.21 17.03
N ASP A 477 4.27 1.04 15.84
CA ASP A 477 4.27 2.16 14.91
C ASP A 477 2.86 2.54 14.45
N LEU A 478 2.06 1.54 14.12
CA LEU A 478 0.65 1.79 13.73
C LEU A 478 -0.08 2.56 14.83
N LEU A 479 0.11 2.14 16.07
CA LEU A 479 -0.55 2.79 17.20
C LEU A 479 -0.04 4.22 17.39
N ASN A 480 1.25 4.45 17.12
CA ASN A 480 1.80 5.82 17.11
C ASN A 480 1.04 6.71 16.13
N TRP A 481 0.91 6.26 14.89
CA TRP A 481 0.22 7.09 13.89
C TRP A 481 -1.28 7.28 14.24
N ALA A 482 -1.91 6.21 14.70
CA ALA A 482 -3.32 6.29 15.10
C ALA A 482 -3.56 7.29 16.25
N VAL A 483 -2.70 7.23 17.27
CA VAL A 483 -2.90 8.02 18.50
C VAL A 483 -2.27 9.40 18.39
N ASN A 484 -1.00 9.47 17.98
CA ASN A 484 -0.30 10.74 17.96
C ASN A 484 -0.66 11.62 16.78
N TYR A 485 -1.14 11.01 15.70
CA TYR A 485 -1.51 11.75 14.50
C TYR A 485 -2.98 11.59 14.06
N LYS A 486 -3.76 10.81 14.83
CA LYS A 486 -5.18 10.61 14.58
C LYS A 486 -5.47 10.16 13.14
N VAL A 487 -4.62 9.27 12.62
CA VAL A 487 -4.78 8.72 11.29
C VAL A 487 -5.92 7.71 11.28
N ASP A 488 -6.65 7.69 10.16
CA ASP A 488 -7.94 7.00 10.07
C ASP A 488 -7.90 5.61 9.40
N GLY A 489 -6.75 5.22 8.88
CA GLY A 489 -6.65 3.94 8.19
C GLY A 489 -5.26 3.74 7.63
N PHE A 490 -5.01 2.53 7.14
CA PHE A 490 -3.68 2.14 6.70
C PHE A 490 -3.77 1.23 5.50
N ARG A 491 -2.96 1.54 4.48
CA ARG A 491 -2.74 0.69 3.31
C ARG A 491 -1.36 0.05 3.44
N PHE A 492 -1.34 -1.29 3.45
CA PHE A 492 -0.11 -2.05 3.66
C PHE A 492 0.54 -2.46 2.35
N ASP A 493 1.65 -1.80 2.05
CA ASP A 493 2.52 -2.18 0.95
C ASP A 493 2.99 -3.62 1.15
N LEU A 494 2.94 -4.42 0.08
CA LEU A 494 3.40 -5.80 0.09
C LEU A 494 3.01 -6.53 1.39
N MET A 495 1.70 -6.52 1.64
CA MET A 495 1.10 -7.17 2.79
C MET A 495 1.37 -8.70 2.81
N GLY A 496 1.52 -9.29 1.63
CA GLY A 496 1.88 -10.71 1.53
C GLY A 496 3.25 -11.05 2.09
N HIS A 497 4.08 -10.04 2.31
CA HIS A 497 5.37 -10.24 2.97
C HIS A 497 5.31 -10.09 4.48
N ILE A 498 4.14 -9.71 4.99
CA ILE A 498 3.90 -9.55 6.42
C ILE A 498 3.17 -10.78 6.93
N MET A 499 3.51 -11.25 8.13
CA MET A 499 2.81 -12.37 8.73
C MET A 499 1.34 -12.00 8.98
N LYS A 500 0.45 -12.93 8.67
CA LYS A 500 -0.96 -12.76 9.02
C LYS A 500 -1.14 -12.47 10.52
N ARG A 501 -0.38 -13.14 11.37
CA ARG A 501 -0.53 -12.92 12.81
C ARG A 501 -0.23 -11.47 13.21
N THR A 502 0.75 -10.87 12.53
CA THR A 502 1.07 -9.45 12.72
C THR A 502 -0.11 -8.55 12.29
N MET A 503 -0.66 -8.82 11.12
CA MET A 503 -1.83 -8.07 10.64
C MET A 503 -2.99 -8.13 11.62
N MET A 504 -3.26 -9.34 12.13
CA MET A 504 -4.42 -9.53 13.01
C MET A 504 -4.17 -8.92 14.38
N ARG A 505 -2.94 -9.02 14.88
CA ARG A 505 -2.64 -8.42 16.19
C ARG A 505 -2.75 -6.89 16.12
N ALA A 506 -2.29 -6.33 15.00
CA ALA A 506 -2.38 -4.89 14.74
C ALA A 506 -3.84 -4.47 14.66
N LYS A 507 -4.65 -5.25 13.95
CA LYS A 507 -6.05 -4.89 13.70
C LYS A 507 -6.78 -4.79 15.04
N SER A 508 -6.55 -5.78 15.89
CA SER A 508 -7.17 -5.84 17.21
C SER A 508 -6.75 -4.66 18.08
N ALA A 509 -5.44 -4.39 18.11
CA ALA A 509 -4.92 -3.29 18.92
C ALA A 509 -5.47 -1.95 18.42
N LEU A 510 -5.47 -1.74 17.12
CA LEU A 510 -6.00 -0.48 16.55
C LEU A 510 -7.48 -0.29 16.84
N GLN A 511 -8.26 -1.34 16.60
CA GLN A 511 -9.71 -1.21 16.67
C GLN A 511 -10.25 -1.16 18.10
N SER A 512 -9.38 -1.43 19.09
CA SER A 512 -9.73 -1.30 20.50
CA SER A 512 -9.73 -1.30 20.50
C SER A 512 -9.43 0.09 21.08
N LEU A 513 -8.79 0.96 20.32
CA LEU A 513 -8.56 2.34 20.78
C LEU A 513 -9.90 3.06 20.92
N THR A 514 -10.03 3.88 21.96
CA THR A 514 -11.27 4.64 22.25
C THR A 514 -11.00 6.13 22.43
N THR A 515 -12.03 6.93 22.19
CA THR A 515 -11.89 8.38 22.31
C THR A 515 -11.54 8.78 23.76
N ASP A 516 -12.18 8.13 24.73
CA ASP A 516 -11.99 8.48 26.13
C ASP A 516 -10.58 8.15 26.61
N ALA A 517 -10.03 7.01 26.18
CA ALA A 517 -8.70 6.60 26.64
C ALA A 517 -7.55 7.08 25.76
N HIS A 518 -7.81 7.24 24.46
CA HIS A 518 -6.74 7.51 23.47
C HIS A 518 -7.00 8.69 22.56
N GLY A 519 -8.20 9.27 22.61
CA GLY A 519 -8.55 10.40 21.76
C GLY A 519 -8.98 10.07 20.33
N VAL A 520 -9.09 8.78 20.01
CA VAL A 520 -9.50 8.34 18.67
C VAL A 520 -10.45 7.15 18.77
N ASP A 521 -11.40 7.09 17.84
CA ASP A 521 -12.33 5.96 17.77
C ASP A 521 -11.73 4.89 16.89
N GLY A 522 -11.03 3.94 17.52
CA GLY A 522 -10.38 2.87 16.78
C GLY A 522 -11.33 1.97 16.01
N SER A 523 -12.61 1.94 16.40
CA SER A 523 -13.55 1.05 15.72
C SER A 523 -13.76 1.41 14.24
N LYS A 524 -13.40 2.64 13.87
CA LYS A 524 -13.58 3.13 12.52
C LYS A 524 -12.28 3.13 11.72
N ILE A 525 -11.17 2.65 12.29
CA ILE A 525 -9.89 2.59 11.57
C ILE A 525 -9.90 1.38 10.64
N TYR A 526 -9.70 1.64 9.34
CA TYR A 526 -9.79 0.60 8.31
C TYR A 526 -8.42 0.19 7.79
N LEU A 527 -8.21 -1.13 7.59
CA LEU A 527 -6.97 -1.69 7.07
CA LEU A 527 -6.96 -1.68 7.07
C LEU A 527 -7.17 -2.40 5.75
N TYR A 528 -6.24 -2.20 4.80
CA TYR A 528 -6.22 -2.94 3.52
C TYR A 528 -4.78 -2.99 3.00
N GLY A 529 -4.52 -3.85 2.01
CA GLY A 529 -3.18 -3.92 1.48
C GLY A 529 -3.02 -4.73 0.22
N GLU A 530 -1.77 -4.81 -0.25
CA GLU A 530 -1.42 -5.61 -1.42
C GLU A 530 -1.15 -7.04 -0.97
N GLY A 531 -2.08 -7.94 -1.26
CA GLY A 531 -1.96 -9.32 -0.82
C GLY A 531 -1.22 -10.22 -1.79
N TRP A 532 -0.20 -9.67 -2.44
CA TRP A 532 0.55 -10.43 -3.42
C TRP A 532 1.35 -11.56 -2.76
N ASP A 533 1.36 -12.70 -3.39
CA ASP A 533 1.99 -13.92 -2.85
C ASP A 533 3.08 -14.37 -3.80
N PHE A 534 4.34 -14.19 -3.42
CA PHE A 534 5.46 -14.58 -4.28
C PHE A 534 6.78 -14.77 -3.54
N ALA A 535 7.77 -15.30 -4.24
CA ALA A 535 9.12 -15.44 -3.70
C ALA A 535 9.13 -16.30 -2.41
N GLU A 536 9.91 -15.89 -1.41
CA GLU A 536 10.21 -16.76 -0.26
C GLU A 536 9.04 -16.94 0.70
N VAL A 537 8.02 -16.09 0.61
CA VAL A 537 6.86 -16.20 1.50
C VAL A 537 5.73 -17.05 0.91
N ALA A 538 5.83 -17.38 -0.38
CA ALA A 538 4.81 -18.22 -1.00
C ALA A 538 4.71 -19.59 -0.32
N ARG A 539 3.56 -20.25 -0.48
CA ARG A 539 3.31 -21.56 0.14
C ARG A 539 3.50 -21.53 1.66
N ASN A 540 3.21 -20.38 2.27
CA ASN A 540 3.36 -20.20 3.71
C ASN A 540 4.75 -20.61 4.25
N GLN A 541 5.78 -20.50 3.42
CA GLN A 541 7.11 -21.01 3.78
C GLN A 541 7.76 -20.33 5.01
N ARG A 542 7.41 -19.08 5.29
CA ARG A 542 7.91 -18.39 6.47
C ARG A 542 6.84 -18.20 7.55
N GLY A 543 5.70 -18.87 7.37
CA GLY A 543 4.53 -18.74 8.23
C GLY A 543 3.35 -18.32 7.37
N ILE A 544 2.17 -18.28 7.96
CA ILE A 544 0.99 -17.84 7.24
C ILE A 544 1.12 -16.33 6.97
N ASN A 545 1.29 -15.99 5.69
CA ASN A 545 1.55 -14.62 5.27
C ASN A 545 0.27 -13.91 4.84
N GLY A 546 0.33 -12.58 4.73
CA GLY A 546 -0.84 -11.75 4.42
C GLY A 546 -1.28 -11.72 2.96
N SER A 547 -1.35 -12.89 2.33
CA SER A 547 -1.79 -13.02 0.96
C SER A 547 -3.31 -12.85 0.81
N GLN A 548 -3.76 -12.57 -0.41
CA GLN A 548 -5.18 -12.50 -0.73
C GLN A 548 -5.95 -13.70 -0.15
N LEU A 549 -5.49 -14.91 -0.43
CA LEU A 549 -6.21 -16.11 0.04
C LEU A 549 -6.17 -16.26 1.56
N ASN A 550 -5.04 -15.93 2.19
CA ASN A 550 -4.94 -16.09 3.63
C ASN A 550 -5.71 -15.02 4.40
N MET A 551 -5.90 -13.84 3.79
CA MET A 551 -6.65 -12.77 4.45
C MET A 551 -8.17 -12.87 4.27
N SER A 552 -8.63 -13.87 3.53
CA SER A 552 -10.06 -14.09 3.40
C SER A 552 -10.61 -14.39 4.78
N GLY A 553 -11.71 -13.73 5.14
CA GLY A 553 -12.31 -13.89 6.46
C GLY A 553 -11.71 -13.08 7.59
N THR A 554 -10.80 -12.15 7.27
CA THR A 554 -10.16 -11.29 8.28
C THR A 554 -10.77 -9.92 8.40
N GLY A 555 -11.56 -9.49 7.40
CA GLY A 555 -12.06 -8.12 7.39
C GLY A 555 -11.03 -7.07 6.97
N ILE A 556 -9.86 -7.50 6.51
CA ILE A 556 -8.82 -6.63 6.01
C ILE A 556 -8.87 -6.69 4.47
N GLY A 557 -8.97 -5.53 3.82
CA GLY A 557 -9.10 -5.47 2.38
C GLY A 557 -7.83 -5.84 1.64
N SER A 558 -8.02 -6.31 0.42
CA SER A 558 -6.89 -6.47 -0.51
C SER A 558 -7.30 -6.07 -1.92
N PHE A 559 -6.31 -5.56 -2.66
CA PHE A 559 -6.49 -5.12 -4.03
C PHE A 559 -6.96 -6.27 -4.92
N ASN A 560 -8.07 -6.04 -5.61
CA ASN A 560 -8.62 -7.00 -6.55
C ASN A 560 -8.02 -6.81 -7.94
N ASP A 561 -6.91 -7.51 -8.19
CA ASP A 561 -6.26 -7.48 -9.49
C ASP A 561 -7.06 -8.16 -10.62
N ARG A 562 -8.00 -9.03 -10.25
CA ARG A 562 -8.78 -9.73 -11.25
C ARG A 562 -9.70 -8.76 -12.00
N ILE A 563 -10.37 -7.86 -11.27
CA ILE A 563 -11.28 -6.91 -11.92
C ILE A 563 -10.48 -5.89 -12.73
N ARG A 564 -9.33 -5.46 -12.19
CA ARG A 564 -8.43 -4.55 -12.88
C ARG A 564 -8.05 -5.09 -14.26
N ASP A 565 -7.53 -6.31 -14.24
CA ASP A 565 -7.04 -6.92 -15.48
C ASP A 565 -8.14 -7.29 -16.48
N ALA A 566 -9.32 -7.68 -15.98
CA ALA A 566 -10.44 -8.00 -16.86
C ALA A 566 -11.01 -6.78 -17.56
N ILE A 567 -11.02 -5.64 -16.87
CA ILE A 567 -11.47 -4.37 -17.45
C ILE A 567 -10.45 -3.81 -18.44
N ASN A 568 -9.20 -3.70 -18.01
CA ASN A 568 -8.16 -3.10 -18.84
C ASN A 568 -7.63 -4.03 -19.94
N GLY A 569 -7.52 -5.31 -19.63
CA GLY A 569 -6.95 -6.32 -20.52
C GLY A 569 -5.54 -6.72 -20.13
N GLY A 570 -5.23 -8.00 -20.27
CA GLY A 570 -3.90 -8.49 -20.00
C GLY A 570 -3.49 -8.29 -18.56
N ASN A 571 -2.27 -7.79 -18.37
CA ASN A 571 -1.69 -7.60 -17.05
CA ASN A 571 -1.69 -7.61 -17.04
C ASN A 571 -0.53 -6.62 -17.16
N PRO A 572 -0.31 -5.80 -16.12
CA PRO A 572 0.70 -4.75 -16.29
C PRO A 572 2.06 -5.24 -16.79
N PHE A 573 2.35 -6.53 -16.62
CA PHE A 573 3.62 -7.10 -17.05
C PHE A 573 3.47 -8.02 -18.26
N GLY A 574 2.29 -8.00 -18.88
CA GLY A 574 2.06 -8.72 -20.13
C GLY A 574 2.19 -7.80 -21.34
N ASN A 575 1.74 -8.26 -22.50
CA ASN A 575 1.86 -7.49 -23.73
C ASN A 575 1.01 -6.21 -23.61
N PRO A 576 1.63 -5.03 -23.79
CA PRO A 576 0.83 -3.81 -23.58
C PRO A 576 -0.42 -3.67 -24.44
N LEU A 577 -0.47 -4.35 -25.59
CA LEU A 577 -1.59 -4.21 -26.50
C LEU A 577 -2.73 -5.22 -26.26
N GLN A 578 -2.59 -6.10 -25.26
CA GLN A 578 -3.64 -7.08 -24.97
C GLN A 578 -4.91 -6.38 -24.47
N GLN A 579 -6.03 -6.58 -25.18
CA GLN A 579 -7.26 -5.85 -24.88
C GLN A 579 -8.11 -6.55 -23.84
N GLY A 580 -8.99 -5.77 -23.22
CA GLY A 580 -9.91 -6.26 -22.21
C GLY A 580 -11.32 -5.79 -22.46
N PHE A 581 -12.16 -6.00 -21.46
CA PHE A 581 -13.58 -5.74 -21.61
C PHE A 581 -13.85 -4.27 -21.97
N ASN A 582 -13.08 -3.37 -21.37
CA ASN A 582 -13.25 -1.94 -21.57
C ASN A 582 -12.20 -1.29 -22.47
N THR A 583 -11.42 -2.09 -23.19
CA THR A 583 -10.44 -1.55 -24.14
C THR A 583 -10.55 -2.16 -25.54
N GLY A 584 -11.71 -2.76 -25.83
CA GLY A 584 -12.08 -3.13 -27.19
C GLY A 584 -11.92 -4.59 -27.59
N LEU A 585 -11.58 -5.47 -26.66
CA LEU A 585 -11.41 -6.89 -27.01
C LEU A 585 -12.66 -7.39 -27.74
N PHE A 586 -12.45 -7.98 -28.93
CA PHE A 586 -13.52 -8.49 -29.80
C PHE A 586 -14.37 -7.41 -30.47
N LEU A 587 -14.85 -6.46 -29.66
CA LEU A 587 -15.77 -5.43 -30.13
C LEU A 587 -15.13 -4.41 -31.07
N GLU A 588 -13.89 -4.04 -30.74
CA GLU A 588 -13.12 -3.04 -31.48
C GLU A 588 -11.65 -3.46 -31.50
N PRO A 589 -11.31 -4.47 -32.32
CA PRO A 589 -9.94 -4.96 -32.37
C PRO A 589 -8.92 -3.87 -32.69
N ASN A 590 -7.79 -3.89 -32.00
CA ASN A 590 -6.76 -2.87 -32.18
C ASN A 590 -5.67 -3.23 -33.19
N GLY A 591 -5.76 -4.39 -33.82
CA GLY A 591 -4.72 -4.78 -34.78
C GLY A 591 -3.62 -5.67 -34.24
N PHE A 592 -3.49 -5.76 -32.93
CA PHE A 592 -2.63 -6.76 -32.29
C PHE A 592 -3.35 -8.10 -32.36
N TYR A 593 -2.69 -9.13 -32.91
CA TYR A 593 -3.30 -10.46 -33.01
C TYR A 593 -3.53 -11.09 -31.65
N GLN A 594 -4.80 -11.42 -31.39
CA GLN A 594 -5.23 -12.00 -30.13
C GLN A 594 -6.10 -13.25 -30.32
N GLY A 595 -6.05 -13.83 -31.51
CA GLY A 595 -6.85 -15.02 -31.84
C GLY A 595 -7.95 -14.76 -32.85
N ASN A 596 -8.68 -15.82 -33.20
CA ASN A 596 -9.79 -15.68 -34.12
C ASN A 596 -11.00 -15.09 -33.41
N GLU A 597 -12.01 -14.75 -34.21
CA GLU A 597 -13.19 -14.05 -33.71
C GLU A 597 -13.92 -14.82 -32.61
N ALA A 598 -14.14 -16.13 -32.79
CA ALA A 598 -14.81 -16.91 -31.76
C ALA A 598 -14.03 -16.88 -30.44
N ASP A 599 -12.71 -16.92 -30.55
CA ASP A 599 -11.85 -16.93 -29.38
C ASP A 599 -11.85 -15.59 -28.63
N THR A 600 -11.76 -14.49 -29.35
CA THR A 600 -11.82 -13.18 -28.71
C THR A 600 -13.19 -12.91 -28.11
N ARG A 601 -14.25 -13.39 -28.77
CA ARG A 601 -15.61 -13.26 -28.22
C ARG A 601 -15.70 -14.00 -26.89
N ARG A 602 -15.18 -15.22 -26.85
CA ARG A 602 -15.22 -16.01 -25.61
C ARG A 602 -14.32 -15.41 -24.53
N SER A 603 -13.16 -14.87 -24.92
CA SER A 603 -12.25 -14.24 -23.97
C SER A 603 -12.91 -13.00 -23.35
N LEU A 604 -13.64 -12.25 -24.17
CA LEU A 604 -14.40 -11.09 -23.68
C LEU A 604 -15.46 -11.53 -22.67
N ALA A 605 -16.19 -12.61 -22.99
CA ALA A 605 -17.23 -13.11 -22.09
C ALA A 605 -16.63 -13.63 -20.78
N THR A 606 -15.44 -14.22 -20.86
CA THR A 606 -14.72 -14.71 -19.68
C THR A 606 -14.30 -13.55 -18.77
N TYR A 607 -13.79 -12.48 -19.36
CA TYR A 607 -13.50 -11.27 -18.60
C TYR A 607 -14.78 -10.69 -17.97
N ALA A 608 -15.89 -10.69 -18.71
CA ALA A 608 -17.16 -10.23 -18.15
C ALA A 608 -17.54 -11.04 -16.90
N ASP A 609 -17.31 -12.35 -16.92
CA ASP A 609 -17.56 -13.18 -15.72
C ASP A 609 -16.72 -12.70 -14.52
N GLN A 610 -15.43 -12.47 -14.78
CA GLN A 610 -14.52 -12.03 -13.71
C GLN A 610 -14.93 -10.67 -13.15
N ILE A 611 -15.32 -9.76 -14.04
CA ILE A 611 -15.78 -8.44 -13.62
C ILE A 611 -17.03 -8.54 -12.76
N GLN A 612 -17.99 -9.37 -13.15
CA GLN A 612 -19.25 -9.48 -12.41
C GLN A 612 -19.04 -10.09 -11.02
N ILE A 613 -18.16 -11.08 -10.91
CA ILE A 613 -17.78 -11.57 -9.58
C ILE A 613 -17.23 -10.41 -8.74
N GLY A 614 -16.38 -9.57 -9.36
CA GLY A 614 -15.83 -8.43 -8.64
C GLY A 614 -16.86 -7.38 -8.27
N LEU A 615 -17.78 -7.07 -9.18
CA LEU A 615 -18.87 -6.12 -8.92
C LEU A 615 -19.77 -6.58 -7.78
N ALA A 616 -19.83 -7.89 -7.56
CA ALA A 616 -20.58 -8.47 -6.44
C ALA A 616 -19.70 -8.71 -5.20
N GLY A 617 -18.64 -7.91 -5.05
CA GLY A 617 -17.80 -7.95 -3.85
C GLY A 617 -16.65 -8.94 -3.87
N ASN A 618 -16.43 -9.57 -5.00
CA ASN A 618 -15.38 -10.58 -5.21
C ASN A 618 -15.38 -11.74 -4.22
N LEU A 619 -16.58 -12.27 -3.97
CA LEU A 619 -16.85 -13.29 -2.97
C LEU A 619 -16.59 -14.70 -3.47
N ARG A 620 -16.07 -15.54 -2.59
CA ARG A 620 -15.89 -16.95 -2.89
C ARG A 620 -17.22 -17.63 -3.24
N ASP A 621 -18.28 -17.26 -2.53
CA ASP A 621 -19.50 -18.07 -2.54
C ASP A 621 -20.59 -17.52 -3.45
N TYR A 622 -20.42 -16.32 -3.99
CA TYR A 622 -21.41 -15.74 -4.90
C TYR A 622 -21.55 -16.58 -6.17
N VAL A 623 -22.80 -16.93 -6.50
CA VAL A 623 -23.11 -17.79 -7.65
C VAL A 623 -23.51 -16.97 -8.88
N LEU A 624 -22.76 -17.11 -9.95
CA LEU A 624 -22.99 -16.43 -11.22
C LEU A 624 -23.29 -17.44 -12.31
N ILE A 625 -24.22 -17.12 -13.22
CA ILE A 625 -24.33 -17.88 -14.48
C ILE A 625 -23.16 -17.47 -15.37
N SER A 626 -22.19 -18.37 -15.52
CA SER A 626 -20.98 -18.08 -16.28
C SER A 626 -21.25 -18.10 -17.79
N HIS A 627 -20.23 -17.73 -18.57
CA HIS A 627 -20.39 -17.56 -20.02
C HIS A 627 -20.75 -18.86 -20.74
N THR A 628 -20.43 -20.01 -20.13
CA THR A 628 -20.81 -21.31 -20.72
C THR A 628 -22.27 -21.69 -20.43
N GLY A 629 -22.90 -20.97 -19.51
CA GLY A 629 -24.21 -21.32 -19.00
C GLY A 629 -24.17 -22.00 -17.65
N GLU A 630 -23.01 -22.52 -17.27
CA GLU A 630 -22.88 -23.24 -16.01
C GLU A 630 -22.83 -22.26 -14.85
N ALA A 631 -23.66 -22.48 -13.84
CA ALA A 631 -23.60 -21.73 -12.59
C ALA A 631 -22.31 -22.08 -11.84
N LYS A 632 -21.54 -21.05 -11.48
CA LYS A 632 -20.28 -21.23 -10.77
C LYS A 632 -20.19 -20.25 -9.62
N LYS A 633 -19.62 -20.70 -8.51
CA LYS A 633 -19.26 -19.80 -7.41
C LYS A 633 -18.09 -18.93 -7.84
N GLY A 634 -17.94 -17.76 -7.23
CA GLY A 634 -16.77 -16.93 -7.47
C GLY A 634 -15.44 -17.65 -7.36
N SER A 635 -15.35 -18.59 -6.42
CA SER A 635 -14.12 -19.39 -6.23
C SER A 635 -13.90 -20.44 -7.31
N GLU A 636 -14.96 -20.79 -8.03
CA GLU A 636 -14.89 -21.82 -9.07
C GLU A 636 -14.58 -21.23 -10.44
N ILE A 637 -14.63 -19.90 -10.55
CA ILE A 637 -14.13 -19.19 -11.71
C ILE A 637 -12.66 -18.88 -11.44
N HIS A 638 -11.77 -19.29 -12.32
CA HIS A 638 -10.34 -19.30 -11.99
C HIS A 638 -9.48 -18.30 -12.73
N THR A 639 -8.38 -17.90 -12.08
CA THR A 639 -7.30 -17.14 -12.72
C THR A 639 -6.49 -18.05 -13.63
N PHE A 640 -5.71 -17.45 -14.53
CA PHE A 640 -4.81 -18.19 -15.42
C PHE A 640 -3.89 -19.18 -14.69
N ASP A 641 -3.70 -18.98 -13.38
CA ASP A 641 -2.88 -19.87 -12.56
C ASP A 641 -3.71 -20.88 -11.72
N GLY A 642 -5.02 -20.94 -11.97
CA GLY A 642 -5.90 -21.87 -11.27
C GLY A 642 -6.37 -21.47 -9.88
N LEU A 643 -6.20 -20.20 -9.52
CA LEU A 643 -6.62 -19.71 -8.21
C LEU A 643 -8.00 -19.07 -8.33
N PRO A 644 -8.73 -18.97 -7.21
CA PRO A 644 -10.08 -18.41 -7.31
C PRO A 644 -10.10 -16.92 -7.74
N VAL A 645 -10.97 -16.56 -8.68
CA VAL A 645 -11.21 -15.14 -8.99
C VAL A 645 -11.80 -14.45 -7.75
N GLY A 646 -12.94 -14.95 -7.31
CA GLY A 646 -13.59 -14.49 -6.08
C GLY A 646 -13.01 -15.21 -4.88
N TYR A 647 -12.38 -14.45 -3.99
CA TYR A 647 -11.64 -15.06 -2.87
C TYR A 647 -12.03 -14.56 -1.48
N THR A 648 -12.92 -13.58 -1.38
CA THR A 648 -13.25 -12.99 -0.07
C THR A 648 -14.45 -13.62 0.61
N ALA A 649 -14.59 -13.33 1.90
CA ALA A 649 -15.77 -13.74 2.69
C ALA A 649 -16.75 -12.57 2.93
N SER A 650 -16.33 -11.36 2.60
CA SER A 650 -17.12 -10.15 2.83
C SER A 650 -16.74 -9.09 1.81
N PRO A 651 -17.70 -8.25 1.39
CA PRO A 651 -17.36 -7.16 0.49
C PRO A 651 -16.33 -6.18 1.04
N ILE A 652 -16.21 -6.05 2.37
CA ILE A 652 -15.22 -5.11 2.93
C ILE A 652 -13.78 -5.63 2.78
N GLU A 653 -13.64 -6.89 2.35
CA GLU A 653 -12.33 -7.47 2.03
C GLU A 653 -11.85 -7.18 0.59
N THR A 654 -12.69 -6.60 -0.26
N THR A 654 -12.66 -6.47 -0.18
N THR A 654 -12.67 -6.48 -0.18
CA THR A 654 -12.27 -6.31 -1.65
CA THR A 654 -12.37 -6.24 -1.58
CA THR A 654 -12.35 -6.20 -1.57
C THR A 654 -12.12 -4.83 -1.97
C THR A 654 -12.10 -4.76 -1.84
C THR A 654 -12.09 -4.73 -1.84
N ILE A 655 -10.92 -4.47 -2.39
CA ILE A 655 -10.58 -3.13 -2.86
C ILE A 655 -10.62 -3.23 -4.40
N ASN A 656 -11.71 -2.73 -4.98
CA ASN A 656 -11.87 -2.77 -6.43
C ASN A 656 -11.21 -1.56 -7.07
N TYR A 657 -10.37 -1.81 -8.05
CA TYR A 657 -9.61 -0.77 -8.75
C TYR A 657 -9.30 -1.13 -10.19
N VAL A 658 -9.09 -0.09 -10.98
CA VAL A 658 -8.58 -0.21 -12.35
C VAL A 658 -7.27 0.55 -12.57
N SER A 659 -6.82 1.23 -11.53
CA SER A 659 -5.68 2.13 -11.61
C SER A 659 -5.17 2.45 -10.22
N ALA A 660 -3.89 2.77 -10.16
CA ALA A 660 -3.22 3.11 -8.90
C ALA A 660 -1.93 3.82 -9.28
N HIS A 661 -1.11 4.16 -8.29
CA HIS A 661 0.13 4.88 -8.59
C HIS A 661 1.09 3.99 -9.39
N ASP A 662 1.03 2.70 -9.13
CA ASP A 662 1.85 1.71 -9.87
C ASP A 662 1.29 1.51 -11.26
N ASN A 663 2.18 1.21 -12.22
CA ASN A 663 1.78 0.95 -13.61
C ASN A 663 1.18 2.20 -14.28
N GLU A 664 0.55 2.00 -15.42
CA GLU A 664 0.07 3.10 -16.24
C GLU A 664 -1.19 3.70 -15.64
N THR A 665 -1.37 5.01 -15.82
CA THR A 665 -2.62 5.65 -15.37
C THR A 665 -3.79 5.09 -16.20
N LEU A 666 -4.99 5.29 -15.70
CA LEU A 666 -6.20 4.89 -16.39
C LEU A 666 -6.27 5.47 -17.82
N PHE A 667 -5.98 6.76 -17.96
CA PHE A 667 -6.00 7.40 -19.27
C PHE A 667 -4.95 6.81 -20.19
N ASP A 668 -3.76 6.55 -19.66
CA ASP A 668 -2.67 6.05 -20.48
C ASP A 668 -2.91 4.59 -20.92
N VAL A 669 -3.42 3.74 -20.02
CA VAL A 669 -3.68 2.35 -20.40
C VAL A 669 -4.76 2.29 -21.51
N ILE A 670 -5.79 3.12 -21.37
CA ILE A 670 -6.84 3.21 -22.39
C ILE A 670 -6.29 3.71 -23.72
N SER A 671 -5.39 4.70 -23.67
CA SER A 671 -4.80 5.27 -24.88
C SER A 671 -3.88 4.30 -25.59
N VAL A 672 -3.26 3.38 -24.85
CA VAL A 672 -2.41 2.35 -25.45
C VAL A 672 -3.20 1.21 -26.10
N LYS A 673 -4.26 0.76 -25.42
CA LYS A 673 -4.91 -0.51 -25.77
C LYS A 673 -6.05 -0.37 -26.77
N THR A 674 -6.76 0.76 -26.74
CA THR A 674 -7.87 0.96 -27.68
C THR A 674 -7.33 1.17 -29.10
N PRO A 675 -8.18 1.00 -30.12
CA PRO A 675 -7.74 1.31 -31.48
C PRO A 675 -7.22 2.74 -31.58
N MET A 676 -6.13 2.95 -32.33
CA MET A 676 -5.54 4.28 -32.47
C MET A 676 -6.53 5.29 -33.03
N ILE A 677 -7.47 4.83 -33.86
CA ILE A 677 -8.39 5.72 -34.55
C ILE A 677 -9.48 6.32 -33.66
N LEU A 678 -9.69 5.80 -32.46
CA LEU A 678 -10.71 6.40 -31.60
C LEU A 678 -10.37 7.85 -31.30
N SER A 679 -11.38 8.70 -31.20
CA SER A 679 -11.18 10.10 -30.80
C SER A 679 -10.96 10.17 -29.30
N VAL A 680 -10.39 11.27 -28.85
CA VAL A 680 -10.19 11.48 -27.41
C VAL A 680 -11.57 11.61 -26.72
N ASP A 681 -12.59 12.09 -27.44
CA ASP A 681 -13.96 12.14 -26.90
C ASP A 681 -14.48 10.73 -26.56
N GLU A 682 -14.27 9.80 -27.48
CA GLU A 682 -14.59 8.39 -27.24
C GLU A 682 -13.78 7.83 -26.08
N ARG A 683 -12.47 8.10 -26.04
CA ARG A 683 -11.65 7.64 -24.92
C ARG A 683 -12.09 8.25 -23.60
N CYS A 684 -12.52 9.52 -23.60
CA CYS A 684 -13.08 10.11 -22.39
C CYS A 684 -14.24 9.28 -21.84
N ARG A 685 -15.15 8.86 -22.72
CA ARG A 685 -16.28 8.03 -22.28
C ARG A 685 -15.81 6.68 -21.73
N ILE A 686 -14.75 6.12 -22.31
CA ILE A 686 -14.20 4.84 -21.85
C ILE A 686 -13.55 4.98 -20.47
N ASN A 687 -12.86 6.08 -20.22
CA ASN A 687 -12.36 6.36 -18.88
C ASN A 687 -13.50 6.37 -17.87
N HIS A 688 -14.59 7.06 -18.21
CA HIS A 688 -15.75 7.13 -17.33
C HIS A 688 -16.35 5.76 -17.07
N LEU A 689 -16.42 4.92 -18.09
CA LEU A 689 -16.94 3.55 -17.89
C LEU A 689 -16.12 2.79 -16.84
N ALA A 690 -14.79 2.84 -16.95
CA ALA A 690 -13.92 2.14 -15.99
C ALA A 690 -14.10 2.64 -14.55
N SER A 691 -14.07 3.96 -14.36
N SER A 691 -14.06 3.96 -14.37
CA SER A 691 -14.21 4.50 -12.99
CA SER A 691 -14.25 4.55 -13.04
C SER A 691 -15.64 4.30 -12.44
C SER A 691 -15.63 4.23 -12.46
N SER A 692 -16.63 4.20 -13.33
CA SER A 692 -18.01 3.91 -12.91
C SER A 692 -18.22 2.46 -12.51
N MET A 693 -17.53 1.53 -13.18
CA MET A 693 -17.57 0.15 -12.73
C MET A 693 -17.03 0.05 -11.30
N MET A 694 -16.01 0.84 -10.98
CA MET A 694 -15.49 0.88 -9.60
C MET A 694 -16.52 1.53 -8.67
N ALA A 695 -16.98 2.72 -9.06
CA ALA A 695 -17.90 3.52 -8.22
C ALA A 695 -19.25 2.88 -7.92
N LEU A 696 -19.71 1.96 -8.77
CA LEU A 696 -20.99 1.27 -8.59
C LEU A 696 -20.84 -0.22 -8.20
N SER A 697 -19.62 -0.62 -7.82
CA SER A 697 -19.34 -2.00 -7.37
C SER A 697 -19.71 -2.20 -5.90
N GLN A 698 -20.07 -3.43 -5.56
CA GLN A 698 -20.06 -3.84 -4.17
C GLN A 698 -18.61 -3.97 -3.73
N GLY A 699 -18.37 -3.79 -2.44
CA GLY A 699 -17.01 -3.70 -1.92
C GLY A 699 -16.59 -2.25 -1.81
N ILE A 700 -15.28 -2.02 -1.78
CA ILE A 700 -14.71 -0.69 -1.54
C ILE A 700 -14.02 -0.19 -2.82
N PRO A 701 -14.57 0.84 -3.46
CA PRO A 701 -13.96 1.41 -4.66
C PRO A 701 -12.70 2.22 -4.34
N PHE A 702 -11.68 2.04 -5.17
CA PHE A 702 -10.40 2.71 -5.04
C PHE A 702 -10.09 3.43 -6.35
N PHE A 703 -9.79 4.72 -6.23
CA PHE A 703 -9.51 5.61 -7.36
C PHE A 703 -8.09 6.15 -7.25
N HIS A 704 -7.36 6.12 -8.35
CA HIS A 704 -6.07 6.77 -8.44
C HIS A 704 -6.29 8.28 -8.62
N ALA A 705 -5.62 9.11 -7.85
CA ALA A 705 -5.77 10.55 -8.05
C ALA A 705 -5.50 10.88 -9.51
N GLY A 706 -6.48 11.49 -10.16
CA GLY A 706 -6.37 11.81 -11.57
C GLY A 706 -7.27 11.02 -12.49
N ASP A 707 -7.80 9.89 -12.00
CA ASP A 707 -8.81 9.13 -12.76
C ASP A 707 -9.90 10.09 -13.28
N GLU A 708 -10.30 11.02 -12.43
CA GLU A 708 -11.41 11.90 -12.65
C GLU A 708 -11.12 13.06 -13.61
N ILE A 709 -9.85 13.26 -13.91
CA ILE A 709 -9.40 14.38 -14.77
C ILE A 709 -8.44 13.91 -15.88
N LEU A 710 -8.56 12.64 -16.26
CA LEU A 710 -7.83 12.09 -17.41
C LEU A 710 -6.29 12.13 -17.26
N ARG A 711 -5.82 11.99 -16.02
CA ARG A 711 -4.41 12.19 -15.73
C ARG A 711 -3.53 11.26 -16.53
N SER A 712 -2.47 11.84 -17.08
CA SER A 712 -1.46 11.08 -17.83
C SER A 712 -0.08 11.26 -17.21
N LYS A 713 0.81 10.27 -17.44
CA LYS A 713 2.23 10.38 -17.13
C LYS A 713 3.04 10.21 -18.41
N SER A 714 2.42 10.52 -19.55
CA SER A 714 2.99 10.22 -20.86
C SER A 714 3.45 8.76 -20.97
N ILE A 715 2.59 7.90 -20.42
CA ILE A 715 2.67 6.44 -20.50
C ILE A 715 3.81 5.84 -19.66
N ASP A 716 4.34 6.60 -18.69
CA ASP A 716 5.32 6.04 -17.74
C ASP A 716 4.66 4.89 -16.98
N ARG A 717 5.27 3.71 -17.01
CA ARG A 717 4.72 2.56 -16.27
C ARG A 717 5.16 2.46 -14.80
N ASP A 718 6.12 3.28 -14.38
CA ASP A 718 6.68 3.17 -13.03
C ASP A 718 7.34 4.49 -12.66
N SER A 719 6.51 5.45 -12.25
CA SER A 719 6.93 6.85 -12.22
C SER A 719 7.55 7.31 -10.89
N TYR A 720 7.93 6.34 -10.04
CA TYR A 720 8.46 6.60 -8.69
C TYR A 720 9.59 7.62 -8.58
N ASN A 721 10.42 7.69 -9.63
CA ASN A 721 11.58 8.58 -9.66
C ASN A 721 11.60 9.45 -10.91
N SER A 722 10.41 9.68 -11.50
CA SER A 722 10.30 10.40 -12.77
C SER A 722 10.03 11.90 -12.59
N GLY A 723 10.14 12.38 -11.35
CA GLY A 723 10.07 13.81 -11.08
C GLY A 723 8.69 14.44 -11.19
N ASP A 724 8.63 15.72 -10.92
CA ASP A 724 7.40 16.45 -11.10
C ASP A 724 6.97 16.54 -12.58
N TRP A 725 7.94 16.44 -13.50
CA TRP A 725 7.65 16.58 -14.92
C TRP A 725 6.66 15.51 -15.40
N PHE A 726 6.94 14.26 -15.09
CA PHE A 726 6.06 13.17 -15.56
C PHE A 726 4.86 12.91 -14.66
N ASN A 727 4.94 13.36 -13.41
CA ASN A 727 3.90 13.12 -12.41
C ASN A 727 2.93 14.29 -12.19
N LYS A 728 2.99 15.30 -13.04
CA LYS A 728 2.19 16.51 -12.86
C LYS A 728 0.69 16.23 -12.68
N LEU A 729 0.13 16.85 -11.65
CA LEU A 729 -1.32 16.94 -11.39
C LEU A 729 -1.69 18.41 -11.55
N ASP A 730 -2.48 18.71 -12.56
CA ASP A 730 -2.81 20.08 -12.93
C ASP A 730 -4.25 20.45 -12.51
N PHE A 731 -4.39 21.14 -11.39
CA PHE A 731 -5.71 21.53 -10.91
C PHE A 731 -6.24 22.83 -11.55
N THR A 732 -5.52 23.33 -12.56
CA THR A 732 -6.13 24.32 -13.48
C THR A 732 -6.97 23.66 -14.57
N TYR A 733 -6.76 22.35 -14.77
CA TYR A 733 -7.48 21.55 -15.76
C TYR A 733 -7.16 21.96 -17.20
N GLU A 734 -6.07 22.71 -17.39
CA GLU A 734 -5.68 23.10 -18.74
C GLU A 734 -4.94 21.97 -19.49
N THR A 735 -4.26 21.09 -18.76
CA THR A 735 -3.50 19.99 -19.35
C THR A 735 -3.73 18.72 -18.53
N ASN A 736 -3.55 17.56 -19.15
CA ASN A 736 -3.52 16.29 -18.41
C ASN A 736 -2.14 15.63 -18.36
N ASN A 737 -1.14 16.26 -18.98
CA ASN A 737 0.26 15.81 -19.01
C ASN A 737 0.53 14.70 -20.03
N TRP A 738 -0.39 14.52 -20.98
CA TRP A 738 -0.14 13.68 -22.15
C TRP A 738 0.75 14.46 -23.12
N GLY A 739 1.76 13.80 -23.68
CA GLY A 739 2.57 14.41 -24.74
C GLY A 739 3.68 15.32 -24.24
N VAL A 740 4.33 14.93 -23.15
CA VAL A 740 5.43 15.71 -22.57
C VAL A 740 6.78 14.98 -22.70
N GLY A 741 6.89 14.14 -23.73
CA GLY A 741 8.08 13.33 -24.00
C GLY A 741 7.90 11.87 -23.69
N LEU A 742 8.71 11.04 -24.33
CA LEU A 742 8.82 9.65 -23.92
C LEU A 742 9.24 9.57 -22.45
N PRO A 743 8.63 8.65 -21.69
CA PRO A 743 8.97 8.57 -20.29
C PRO A 743 10.33 7.88 -20.04
N PRO A 744 10.83 7.96 -18.79
CA PRO A 744 12.21 7.55 -18.53
C PRO A 744 12.63 6.16 -19.02
N SER A 745 13.83 6.08 -19.61
CA SER A 745 14.25 4.89 -20.35
C SER A 745 14.39 3.63 -19.51
N GLU A 746 14.87 3.76 -18.27
CA GLU A 746 15.12 2.59 -17.41
C GLU A 746 13.94 1.62 -17.36
N LYS A 747 12.73 2.14 -17.13
CA LYS A 747 11.55 1.27 -17.04
C LYS A 747 10.70 1.20 -18.31
N ASN A 748 10.95 2.07 -19.28
CA ASN A 748 10.03 2.25 -20.41
C ASN A 748 10.59 2.05 -21.81
N GLU A 749 11.92 2.02 -21.97
CA GLU A 749 12.54 2.08 -23.31
C GLU A 749 12.06 0.99 -24.26
N ASP A 750 11.91 -0.23 -23.75
CA ASP A 750 11.40 -1.35 -24.56
C ASP A 750 10.05 -1.03 -25.22
N ASN A 751 9.24 -0.18 -24.60
CA ASN A 751 7.91 0.17 -25.14
C ASN A 751 7.84 1.54 -25.86
N TRP A 752 8.97 2.24 -25.97
CA TRP A 752 8.97 3.53 -26.64
C TRP A 752 8.37 3.49 -28.06
N PRO A 753 8.64 2.42 -28.83
CA PRO A 753 8.09 2.41 -30.19
C PRO A 753 6.55 2.46 -30.26
N LEU A 754 5.85 1.87 -29.30
CA LEU A 754 4.39 1.97 -29.31
C LEU A 754 3.95 3.32 -28.76
N MET A 755 4.75 3.89 -27.86
CA MET A 755 4.44 5.17 -27.23
C MET A 755 4.56 6.36 -28.17
N LYS A 756 5.65 6.38 -28.94
CA LYS A 756 6.01 7.57 -29.73
C LYS A 756 4.90 8.10 -30.66
N PRO A 757 4.32 7.25 -31.53
CA PRO A 757 3.32 7.80 -32.45
C PRO A 757 2.05 8.26 -31.75
N ARG A 758 1.74 7.65 -30.60
CA ARG A 758 0.58 8.03 -29.80
C ARG A 758 0.83 9.38 -29.12
N LEU A 759 1.99 9.54 -28.48
CA LEU A 759 2.34 10.82 -27.85
C LEU A 759 2.43 11.96 -28.86
N GLU A 760 2.89 11.66 -30.07
CA GLU A 760 2.99 12.68 -31.14
C GLU A 760 1.69 13.07 -31.81
N ASN A 761 0.65 12.24 -31.67
CA ASN A 761 -0.60 12.46 -32.36
C ASN A 761 -1.45 13.46 -31.61
N PRO A 762 -1.71 14.65 -32.21
CA PRO A 762 -2.53 15.65 -31.53
C PRO A 762 -3.93 15.18 -31.12
N SER A 763 -4.47 14.20 -31.84
CA SER A 763 -5.84 13.74 -31.57
CA SER A 763 -5.83 13.71 -31.59
C SER A 763 -5.94 12.92 -30.29
N PHE A 764 -4.80 12.55 -29.72
CA PHE A 764 -4.76 11.78 -28.46
C PHE A 764 -4.84 12.66 -27.21
N LYS A 765 -4.59 13.96 -27.37
CA LYS A 765 -4.44 14.87 -26.23
C LYS A 765 -5.75 15.58 -25.92
N PRO A 766 -6.26 15.43 -24.67
CA PRO A 766 -7.50 16.12 -24.35
C PRO A 766 -7.26 17.60 -24.05
N ALA A 767 -8.30 18.38 -24.28
CA ALA A 767 -8.32 19.78 -23.90
C ALA A 767 -9.08 19.93 -22.59
N LYS A 768 -9.08 21.15 -22.06
CA LYS A 768 -9.78 21.45 -20.82
C LYS A 768 -11.25 21.01 -20.82
N GLY A 769 -11.96 21.20 -21.93
CA GLY A 769 -13.35 20.76 -22.00
C GLY A 769 -13.53 19.29 -21.65
N HIS A 770 -12.67 18.45 -22.20
CA HIS A 770 -12.72 17.00 -21.95
C HIS A 770 -12.41 16.71 -20.48
N ILE A 771 -11.40 17.38 -19.96
CA ILE A 771 -10.97 17.18 -18.57
C ILE A 771 -12.11 17.52 -17.62
N LEU A 772 -12.75 18.67 -17.85
CA LEU A 772 -13.86 19.10 -17.00
C LEU A 772 -15.10 18.21 -17.15
N ALA A 773 -15.31 17.68 -18.35
CA ALA A 773 -16.41 16.74 -18.59
C ALA A 773 -16.18 15.44 -17.84
N ALA A 774 -14.94 14.95 -17.85
CA ALA A 774 -14.60 13.75 -17.08
C ALA A 774 -14.87 13.98 -15.59
N LEU A 775 -14.49 15.15 -15.10
CA LEU A 775 -14.67 15.49 -13.70
C LEU A 775 -16.14 15.57 -13.31
N ASP A 776 -16.95 16.25 -14.12
CA ASP A 776 -18.38 16.30 -13.87
C ASP A 776 -19.03 14.92 -13.82
N SER A 777 -18.68 14.03 -14.74
N SER A 777 -18.65 14.07 -14.78
CA SER A 777 -19.33 12.71 -14.73
CA SER A 777 -19.11 12.69 -14.87
C SER A 777 -18.80 11.84 -13.57
C SER A 777 -18.77 11.86 -13.64
N PHE A 778 -17.54 12.04 -13.16
CA PHE A 778 -17.01 11.33 -12.01
C PHE A 778 -17.77 11.74 -10.74
N VAL A 779 -17.96 13.04 -10.55
CA VAL A 779 -18.75 13.58 -9.45
C VAL A 779 -20.18 12.97 -9.44
N ASP A 780 -20.80 12.89 -10.59
CA ASP A 780 -22.17 12.38 -10.65
C ASP A 780 -22.25 10.89 -10.29
N ILE A 781 -21.29 10.10 -10.76
CA ILE A 781 -21.33 8.67 -10.44
C ILE A 781 -21.07 8.45 -8.95
N LEU A 782 -20.25 9.28 -8.32
CA LEU A 782 -20.12 9.22 -6.85
C LEU A 782 -21.43 9.58 -6.17
N LYS A 783 -22.09 10.65 -6.63
CA LYS A 783 -23.39 11.00 -6.09
C LYS A 783 -24.36 9.81 -6.18
N ILE A 784 -24.33 9.11 -7.31
CA ILE A 784 -25.21 7.95 -7.51
C ILE A 784 -24.88 6.83 -6.50
N ARG A 785 -23.59 6.50 -6.33
CA ARG A 785 -23.23 5.49 -5.31
C ARG A 785 -23.83 5.84 -3.94
N TYR A 786 -23.73 7.12 -3.57
CA TYR A 786 -24.11 7.54 -2.23
C TYR A 786 -25.60 7.90 -2.13
N SER A 787 -26.31 7.79 -3.27
CA SER A 787 -27.76 8.00 -3.30
C SER A 787 -28.59 6.79 -2.83
N SER A 788 -27.98 5.60 -2.78
CA SER A 788 -28.68 4.38 -2.39
C SER A 788 -27.76 3.44 -1.59
N PRO A 789 -28.21 2.98 -0.42
CA PRO A 789 -27.41 1.97 0.31
C PRO A 789 -27.31 0.64 -0.41
N LEU A 790 -28.10 0.45 -1.46
CA LEU A 790 -28.08 -0.80 -2.23
C LEU A 790 -26.75 -1.02 -2.96
N PHE A 791 -26.01 0.07 -3.24
CA PHE A 791 -24.68 -0.06 -3.86
C PHE A 791 -23.59 -0.49 -2.86
N ARG A 792 -23.91 -0.47 -1.57
CA ARG A 792 -22.92 -0.64 -0.50
C ARG A 792 -23.38 -1.66 0.55
N LEU A 793 -23.84 -2.82 0.06
CA LEU A 793 -24.34 -3.88 0.95
C LEU A 793 -23.24 -4.38 1.88
N SER A 794 -23.60 -4.65 3.13
CA SER A 794 -22.56 -4.82 4.14
C SER A 794 -22.11 -6.25 4.35
N THR A 795 -22.88 -7.23 3.87
CA THR A 795 -22.52 -8.64 4.06
C THR A 795 -22.66 -9.48 2.78
N ALA A 796 -21.95 -10.60 2.79
CA ALA A 796 -22.04 -11.55 1.69
C ALA A 796 -23.47 -12.05 1.50
N ASN A 797 -24.19 -12.30 2.59
CA ASN A 797 -25.56 -12.79 2.48
C ASN A 797 -26.46 -11.77 1.76
N ASP A 798 -26.29 -10.49 2.07
CA ASP A 798 -27.07 -9.44 1.40
C ASP A 798 -26.81 -9.44 -0.11
N ILE A 799 -25.54 -9.56 -0.49
CA ILE A 799 -25.18 -9.57 -1.89
C ILE A 799 -25.77 -10.78 -2.61
N LYS A 800 -25.65 -11.95 -2.00
CA LYS A 800 -26.15 -13.18 -2.60
C LYS A 800 -27.67 -13.11 -2.78
N GLN A 801 -28.35 -12.49 -1.82
CA GLN A 801 -29.80 -12.35 -1.88
C GLN A 801 -30.26 -11.29 -2.91
N ARG A 802 -29.54 -10.18 -3.03
CA ARG A 802 -30.04 -8.97 -3.70
C ARG A 802 -29.43 -8.63 -5.06
N VAL A 803 -28.23 -9.11 -5.36
CA VAL A 803 -27.51 -8.69 -6.57
C VAL A 803 -27.63 -9.77 -7.63
N ARG A 804 -28.19 -9.42 -8.80
CA ARG A 804 -28.30 -10.37 -9.92
C ARG A 804 -27.76 -9.73 -11.18
N PHE A 805 -27.12 -10.55 -12.00
CA PHE A 805 -26.67 -10.17 -13.32
C PHE A 805 -27.56 -10.80 -14.38
N HIS A 806 -27.88 -10.02 -15.42
CA HIS A 806 -28.99 -10.34 -16.34
C HIS A 806 -28.60 -10.53 -17.82
N ASN A 807 -27.31 -10.43 -18.14
CA ASN A 807 -26.82 -10.69 -19.51
C ASN A 807 -25.70 -11.69 -19.42
N THR A 808 -26.08 -12.97 -19.40
CA THR A 808 -25.18 -14.05 -19.09
C THR A 808 -25.35 -15.24 -20.04
N GLY A 809 -24.39 -16.15 -20.01
CA GLY A 809 -24.46 -17.39 -20.80
C GLY A 809 -23.91 -17.28 -22.21
N PRO A 810 -23.97 -18.39 -22.98
CA PRO A 810 -23.31 -18.43 -24.30
C PRO A 810 -23.88 -17.45 -25.33
N SER A 811 -25.13 -17.05 -25.15
CA SER A 811 -25.80 -16.19 -26.10
C SER A 811 -25.93 -14.76 -25.57
N LEU A 812 -25.12 -14.41 -24.55
CA LEU A 812 -25.11 -13.05 -24.03
C LEU A 812 -24.77 -12.06 -25.14
N VAL A 813 -25.25 -10.84 -24.97
CA VAL A 813 -24.95 -9.73 -25.87
C VAL A 813 -23.55 -9.24 -25.51
N PRO A 814 -22.57 -9.38 -26.42
CA PRO A 814 -21.22 -8.98 -26.05
C PRO A 814 -21.10 -7.49 -25.71
N GLY A 815 -20.30 -7.18 -24.69
CA GLY A 815 -20.02 -5.79 -24.31
C GLY A 815 -21.03 -5.13 -23.41
N VAL A 816 -21.91 -5.91 -22.80
CA VAL A 816 -22.90 -5.35 -21.90
C VAL A 816 -22.95 -6.14 -20.60
N ILE A 817 -22.89 -5.42 -19.48
CA ILE A 817 -23.17 -5.99 -18.15
C ILE A 817 -24.44 -5.33 -17.62
N VAL A 818 -25.40 -6.15 -17.18
CA VAL A 818 -26.64 -5.65 -16.57
C VAL A 818 -26.70 -6.15 -15.11
N MET A 819 -26.70 -5.22 -14.17
CA MET A 819 -26.64 -5.54 -12.75
C MET A 819 -27.84 -5.00 -12.01
N GLY A 820 -28.63 -5.89 -11.43
CA GLY A 820 -29.82 -5.51 -10.67
C GLY A 820 -29.60 -5.68 -9.18
N ILE A 821 -30.12 -4.75 -8.38
CA ILE A 821 -30.04 -4.82 -6.92
C ILE A 821 -31.43 -4.58 -6.34
N GLU A 822 -31.95 -5.60 -5.65
CA GLU A 822 -33.30 -5.62 -5.11
C GLU A 822 -33.37 -5.09 -3.68
N ASP A 823 -34.45 -4.38 -3.35
CA ASP A 823 -34.78 -4.05 -1.97
C ASP A 823 -36.17 -4.60 -1.65
N ALA A 824 -36.56 -4.49 -0.37
CA ALA A 824 -37.84 -5.00 0.09
C ALA A 824 -38.95 -4.29 -0.67
N ARG A 825 -39.95 -5.06 -1.12
CA ARG A 825 -41.09 -4.49 -1.84
C ARG A 825 -42.30 -5.41 -1.71
N GLY A 826 -43.49 -4.84 -1.93
CA GLY A 826 -44.75 -5.55 -1.72
C GLY A 826 -45.12 -5.59 -0.24
N GLU A 827 -46.02 -6.52 0.11
CA GLU A 827 -46.32 -6.83 1.52
C GLU A 827 -45.66 -8.17 1.87
N SER A 828 -45.30 -8.33 3.14
CA SER A 828 -44.62 -9.55 3.62
C SER A 828 -43.33 -9.85 2.84
N PRO A 829 -42.37 -8.90 2.84
CA PRO A 829 -41.12 -9.12 2.13
C PRO A 829 -40.17 -10.06 2.87
N GLU A 830 -39.29 -10.72 2.13
CA GLU A 830 -38.31 -11.66 2.71
C GLU A 830 -36.93 -11.03 2.91
N MET A 831 -36.90 -9.70 3.05
CA MET A 831 -35.66 -8.97 3.34
C MET A 831 -35.97 -7.63 4.00
N ALA A 832 -35.01 -7.08 4.72
CA ALA A 832 -35.15 -5.76 5.33
C ALA A 832 -35.23 -4.70 4.24
N GLN A 833 -35.92 -3.61 4.53
CA GLN A 833 -35.91 -2.43 3.66
C GLN A 833 -34.69 -1.57 3.97
N LEU A 834 -33.76 -1.53 3.03
CA LEU A 834 -32.54 -0.76 3.20
C LEU A 834 -32.63 0.66 2.63
N ASP A 835 -33.49 0.86 1.65
CA ASP A 835 -33.54 2.12 0.92
C ASP A 835 -34.95 2.73 1.04
N THR A 836 -35.03 3.92 1.63
CA THR A 836 -36.31 4.62 1.78
C THR A 836 -36.79 5.32 0.50
N ASN A 837 -35.90 5.48 -0.48
CA ASN A 837 -36.23 6.20 -1.72
C ASN A 837 -36.51 5.30 -2.93
N PHE A 838 -35.81 4.17 -2.99
CA PHE A 838 -35.83 3.26 -4.14
C PHE A 838 -36.07 1.82 -3.68
N SER A 839 -36.89 1.08 -4.44
CA SER A 839 -37.16 -0.31 -4.15
C SER A 839 -36.31 -1.26 -5.03
N TYR A 840 -35.59 -0.69 -5.99
CA TYR A 840 -34.82 -1.51 -6.95
C TYR A 840 -33.90 -0.59 -7.74
N VAL A 841 -32.70 -1.06 -8.04
CA VAL A 841 -31.77 -0.32 -8.91
C VAL A 841 -31.24 -1.27 -9.97
N VAL A 842 -31.16 -0.78 -11.21
CA VAL A 842 -30.57 -1.56 -12.31
C VAL A 842 -29.52 -0.70 -13.01
N THR A 843 -28.33 -1.25 -13.17
CA THR A 843 -27.23 -0.55 -13.84
C THR A 843 -26.85 -1.33 -15.08
N VAL A 844 -26.76 -0.62 -16.20
CA VAL A 844 -26.30 -1.19 -17.45
C VAL A 844 -24.99 -0.52 -17.81
N PHE A 845 -23.93 -1.32 -17.90
CA PHE A 845 -22.63 -0.86 -18.39
C PHE A 845 -22.52 -1.29 -19.85
N ASN A 846 -22.60 -0.33 -20.77
CA ASN A 846 -22.49 -0.63 -22.20
C ASN A 846 -21.18 -0.12 -22.79
N VAL A 847 -20.23 -1.03 -23.05
CA VAL A 847 -18.95 -0.66 -23.66
C VAL A 847 -19.01 -0.73 -25.19
N CYS A 848 -20.13 -1.18 -25.75
CA CYS A 848 -20.27 -1.17 -27.21
C CYS A 848 -20.25 0.25 -27.74
N PRO A 849 -19.69 0.44 -28.95
CA PRO A 849 -19.74 1.73 -29.62
C PRO A 849 -21.05 1.97 -30.38
N HIS A 850 -22.16 1.52 -29.80
CA HIS A 850 -23.47 1.72 -30.37
C HIS A 850 -24.50 1.48 -29.27
N GLU A 851 -25.71 2.00 -29.51
CA GLU A 851 -26.83 1.78 -28.61
C GLU A 851 -27.17 0.30 -28.52
N VAL A 852 -27.58 -0.14 -27.34
CA VAL A 852 -28.10 -1.49 -27.13
C VAL A 852 -29.48 -1.42 -26.50
N SER A 853 -30.29 -2.43 -26.78
CA SER A 853 -31.58 -2.61 -26.15
C SER A 853 -31.54 -3.96 -25.47
N MET A 854 -31.56 -3.93 -24.13
CA MET A 854 -31.46 -5.13 -23.32
C MET A 854 -32.84 -5.45 -22.75
N ASP A 855 -33.38 -6.60 -23.14
CA ASP A 855 -34.71 -7.05 -22.72
C ASP A 855 -34.54 -7.96 -21.52
N ILE A 856 -35.13 -7.57 -20.40
CA ILE A 856 -35.04 -8.35 -19.15
C ILE A 856 -36.47 -8.57 -18.65
N PRO A 857 -37.11 -9.65 -19.13
CA PRO A 857 -38.49 -9.96 -18.79
C PRO A 857 -38.75 -9.96 -17.28
N ALA A 858 -37.76 -10.38 -16.50
CA ALA A 858 -37.83 -10.38 -15.03
C ALA A 858 -38.07 -8.99 -14.45
N LEU A 859 -37.68 -7.96 -15.18
CA LEU A 859 -37.82 -6.58 -14.74
C LEU A 859 -38.92 -5.82 -15.52
N ALA A 860 -39.82 -6.55 -16.18
CA ALA A 860 -40.93 -5.94 -16.89
C ALA A 860 -42.00 -5.48 -15.90
N SER A 861 -42.84 -4.53 -16.30
CA SER A 861 -43.99 -4.07 -15.49
C SER A 861 -43.60 -3.52 -14.14
N MET A 862 -42.48 -2.79 -14.11
CA MET A 862 -41.99 -2.16 -12.90
C MET A 862 -41.85 -0.66 -13.13
N GLY A 863 -41.58 0.08 -12.07
CA GLY A 863 -41.62 1.54 -12.15
C GLY A 863 -40.29 2.20 -12.41
N PHE A 864 -39.42 1.57 -13.20
CA PHE A 864 -38.10 2.12 -13.47
C PHE A 864 -38.14 3.44 -14.22
N GLU A 865 -37.27 4.35 -13.79
CA GLU A 865 -36.99 5.61 -14.46
C GLU A 865 -35.49 5.86 -14.37
N LEU A 866 -34.98 6.71 -15.24
CA LEU A 866 -33.57 7.05 -15.21
C LEU A 866 -33.24 7.74 -13.90
N HIS A 867 -32.09 7.41 -13.31
CA HIS A 867 -31.67 8.06 -12.05
C HIS A 867 -31.77 9.59 -12.20
N PRO A 868 -32.32 10.27 -11.19
CA PRO A 868 -32.43 11.74 -11.32
C PRO A 868 -31.13 12.49 -11.64
N VAL A 869 -30.02 12.03 -11.08
CA VAL A 869 -28.71 12.61 -11.39
C VAL A 869 -28.45 12.57 -12.88
N GLN A 870 -28.80 11.46 -13.53
CA GLN A 870 -28.53 11.32 -14.96
C GLN A 870 -29.56 12.06 -15.84
N VAL A 871 -30.78 12.16 -15.37
CA VAL A 871 -31.78 13.00 -16.04
C VAL A 871 -31.24 14.43 -16.18
N ASN A 872 -30.52 14.88 -15.15
CA ASN A 872 -29.96 16.23 -15.09
C ASN A 872 -28.49 16.33 -15.45
N SER A 873 -27.96 15.27 -16.07
CA SER A 873 -26.57 15.21 -16.45
C SER A 873 -26.18 16.27 -17.46
N SER A 874 -24.96 16.77 -17.30
CA SER A 874 -24.36 17.63 -18.32
C SER A 874 -23.99 16.83 -19.58
N ASP A 875 -23.93 15.50 -19.47
CA ASP A 875 -23.73 14.64 -20.63
C ASP A 875 -25.08 14.47 -21.33
N THR A 876 -25.20 14.97 -22.56
CA THR A 876 -26.46 14.86 -23.28
C THR A 876 -26.81 13.41 -23.64
N LEU A 877 -25.81 12.56 -23.82
CA LEU A 877 -26.05 11.20 -24.30
C LEU A 877 -26.76 10.29 -23.26
N VAL A 878 -26.29 10.30 -22.02
CA VAL A 878 -26.89 9.46 -20.99
C VAL A 878 -28.37 9.78 -20.77
N ARG A 879 -28.76 11.03 -20.98
CA ARG A 879 -30.16 11.41 -20.86
C ARG A 879 -31.10 10.66 -21.80
N LYS A 880 -30.56 10.10 -22.89
CA LYS A 880 -31.38 9.35 -23.86
C LYS A 880 -31.75 7.94 -23.40
N SER A 881 -31.17 7.49 -22.29
CA SER A 881 -31.42 6.16 -21.75
C SER A 881 -32.90 6.02 -21.40
N ALA A 882 -33.49 4.86 -21.66
CA ALA A 882 -34.93 4.70 -21.47
C ALA A 882 -35.30 3.27 -21.08
N TYR A 883 -36.44 3.15 -20.43
CA TYR A 883 -37.01 1.87 -20.00
C TYR A 883 -38.41 1.75 -20.58
N GLU A 884 -38.74 0.55 -21.09
CA GLU A 884 -40.07 0.23 -21.58
C GLU A 884 -40.67 -0.87 -20.72
N ALA A 885 -41.76 -0.57 -20.03
CA ALA A 885 -42.35 -1.47 -19.05
C ALA A 885 -42.88 -2.79 -19.60
N ALA A 886 -43.55 -2.75 -20.74
CA ALA A 886 -44.21 -3.96 -21.26
C ALA A 886 -43.22 -5.09 -21.51
N THR A 887 -42.01 -4.75 -21.95
CA THR A 887 -40.99 -5.73 -22.34
C THR A 887 -39.86 -5.86 -21.32
N GLY A 888 -39.74 -4.89 -20.41
CA GLY A 888 -38.58 -4.80 -19.54
C GLY A 888 -37.32 -4.48 -20.35
N ARG A 889 -37.48 -3.61 -21.35
CA ARG A 889 -36.41 -3.21 -22.24
C ARG A 889 -35.69 -1.96 -21.73
N PHE A 890 -34.37 -2.09 -21.56
CA PHE A 890 -33.50 -0.97 -21.18
C PHE A 890 -32.66 -0.58 -22.38
N THR A 891 -32.86 0.64 -22.88
CA THR A 891 -32.15 1.12 -24.07
C THR A 891 -31.08 2.09 -23.60
N VAL A 892 -29.84 1.79 -23.98
CA VAL A 892 -28.67 2.45 -23.44
C VAL A 892 -27.73 2.85 -24.58
N PRO A 893 -27.38 4.14 -24.67
CA PRO A 893 -26.48 4.55 -25.76
C PRO A 893 -25.05 4.00 -25.66
N GLY A 894 -24.31 4.12 -26.75
CA GLY A 894 -22.94 3.61 -26.79
C GLY A 894 -22.03 4.20 -25.74
N ARG A 895 -21.11 3.37 -25.25
CA ARG A 895 -20.08 3.80 -24.28
C ARG A 895 -20.68 4.58 -23.12
N THR A 896 -21.68 3.98 -22.47
CA THR A 896 -22.44 4.70 -21.46
C THR A 896 -22.76 3.75 -20.31
N VAL A 897 -22.75 4.30 -19.10
CA VAL A 897 -23.31 3.61 -17.94
C VAL A 897 -24.62 4.31 -17.56
N SER A 898 -25.71 3.55 -17.55
CA SER A 898 -27.05 4.07 -17.27
C SER A 898 -27.59 3.41 -16.02
N VAL A 899 -28.13 4.22 -15.11
CA VAL A 899 -28.64 3.73 -13.83
C VAL A 899 -30.11 4.04 -13.75
N PHE A 900 -30.91 2.99 -13.54
CA PHE A 900 -32.37 3.11 -13.47
C PHE A 900 -32.80 2.77 -12.05
N VAL A 901 -33.77 3.53 -11.54
CA VAL A 901 -34.27 3.34 -10.18
C VAL A 901 -35.79 3.14 -10.24
N GLU A 902 -36.30 2.36 -9.29
CA GLU A 902 -37.73 2.27 -9.05
C GLU A 902 -38.05 3.07 -7.80
N PRO A 903 -38.70 4.23 -7.95
CA PRO A 903 -38.98 5.07 -6.78
C PRO A 903 -40.07 4.50 -5.88
N ARG A 904 -39.93 4.75 -4.57
CA ARG A 904 -40.97 4.38 -3.59
C ARG A 904 -42.08 5.41 -3.41
N CYS A 905 -41.78 6.69 -3.62
CA CYS A 905 -42.76 7.75 -3.43
C CYS A 905 -43.70 7.86 -4.64
C1 GLC B . 1.98 -13.44 -13.12
C2 GLC B . 0.66 -13.57 -12.37
C3 GLC B . 0.16 -12.19 -11.92
C4 GLC B . 1.28 -11.42 -11.25
C5 GLC B . 2.54 -11.38 -12.13
C6 GLC B . 3.68 -10.65 -11.43
O1 GLC B . 1.78 -13.02 -14.46
O2 GLC B . -0.30 -14.16 -13.21
O3 GLC B . -0.94 -12.36 -11.03
O4 GLC B . 0.88 -10.09 -11.00
O5 GLC B . 2.97 -12.69 -12.44
O6 GLC B . 4.54 -10.13 -12.41
C1 GLC B . 0.57 -9.91 -10.01
C1 GLC B . 0.34 -9.98 -9.67
C2 GLC B . -0.34 -8.70 -10.07
C2 GLC B . -0.56 -8.75 -9.62
C3 GLC B . 0.48 -7.43 -10.12
C3 GLC B . 0.30 -7.53 -9.95
C4 GLC B . 1.47 -7.38 -8.96
C4 GLC B . 1.39 -7.41 -8.88
C5 GLC B . 2.29 -8.68 -8.95
C5 GLC B . 2.18 -8.72 -8.85
C6 GLC B . 3.26 -8.69 -7.77
C6 GLC B . 3.24 -8.69 -7.75
O2 GLC B . -1.18 -8.78 -11.20
O2 GLC B . -1.64 -8.91 -10.52
O3 GLC B . -0.35 -6.29 -10.07
O3 GLC B . -0.46 -6.35 -10.00
O4 GLC B . 2.35 -6.29 -9.09
O4 GLC B . 2.26 -6.32 -9.12
O5 GLC B . 1.47 -9.82 -8.91
O5 GLC B . 1.33 -9.83 -8.67
O6 GLC B . 3.95 -9.93 -7.72
O6 GLC B . 3.94 -9.92 -7.72
C1 GLC B . 1.88 -5.11 -8.37
C1 GLC B . 1.84 -5.15 -8.38
C2 GLC B . 2.00 -3.88 -9.22
C2 GLC B . 1.97 -3.91 -9.23
C3 GLC B . 3.46 -3.62 -9.55
C3 GLC B . 3.43 -3.63 -9.55
C4 GLC B . 4.27 -3.45 -8.27
C4 GLC B . 4.23 -3.48 -8.27
C5 GLC B . 3.99 -4.66 -7.36
C5 GLC B . 3.97 -4.69 -7.37
C6 GLC B . 4.66 -4.47 -6.01
C6 GLC B . 4.63 -4.51 -6.02
O2 GLC B . 1.25 -4.03 -10.41
O2 GLC B . 1.23 -4.05 -10.42
O3 GLC B . 3.57 -2.46 -10.34
O3 GLC B . 3.54 -2.47 -10.34
O4 GLC B . 5.66 -3.37 -8.58
O4 GLC B . 5.61 -3.38 -8.58
O5 GLC B . 2.60 -4.86 -7.17
O5 GLC B . 2.57 -4.92 -7.19
O6 GLC B . 4.02 -3.46 -5.26
O6 GLC B . 4.01 -3.47 -5.28
C1 GLC B . 6.23 -2.08 -8.27
C1 GLC B . 6.15 -2.08 -8.23
C2 GLC B . 6.95 -1.52 -9.48
C2 GLC B . 6.95 -1.55 -9.42
C3 GLC B . 8.10 -2.44 -9.86
C3 GLC B . 8.10 -2.50 -9.70
C4 GLC B . 9.03 -2.67 -8.68
C4 GLC B . 8.93 -2.66 -8.43
C5 GLC B . 8.25 -3.01 -7.41
C5 GLC B . 8.03 -3.11 -7.28
C6 GLC B . 9.17 -3.00 -6.20
C6 GLC B . 8.82 -3.30 -5.99
O2 GLC B . 6.08 -1.36 -10.60
O2 GLC B . 6.13 -1.39 -10.57
O3 GLC B . 8.81 -1.92 -10.97
O3 GLC B . 8.90 -2.00 -10.76
O4 GLC B . 9.88 -3.76 -9.00
O4 GLC B . 9.96 -3.62 -8.62
O5 GLC B . 7.15 -2.13 -7.19
O5 GLC B . 6.98 -2.15 -7.09
O6 GLC B . 8.66 -3.84 -5.20
O6 GLC B . 8.02 -3.97 -5.03
C1 GLC B . 11.27 -3.44 -8.77
C2 GLC B . 12.13 -3.61 -10.02
C3 GLC B . 12.27 -5.10 -10.32
C4 GLC B . 12.69 -5.87 -9.08
C5 GLC B . 11.82 -5.48 -7.87
C6 GLC B . 12.18 -6.20 -6.58
O2 GLC B . 11.52 -2.99 -11.12
O3 GLC B . 13.21 -5.30 -11.34
O4 GLC B . 12.49 -7.24 -9.33
O5 GLC B . 11.87 -4.08 -7.68
O6 GLC B . 13.57 -6.23 -6.34
CA CA C . 14.08 11.63 -7.26
CL CL D . 11.20 13.87 -31.81
I IOD E . 23.21 -10.28 8.25
I IOD F . 4.37 -5.59 23.22
I IOD G . -23.04 9.70 -15.08
I IOD H . 18.39 9.03 4.51
I IOD I . 30.91 -22.39 25.97
I IOD J . -18.29 -14.33 -33.51
I IOD K . -3.89 -15.06 13.10
I IOD K . -2.51 -16.47 11.81
I IOD L . 30.66 18.14 14.78
I IOD M . -31.05 11.35 -5.96
#